data_6LZ9
#
_entry.id   6LZ9
#
_cell.length_a   176.180
_cell.length_b   176.180
_cell.length_c   122.960
_cell.angle_alpha   90.000
_cell.angle_beta   90.000
_cell.angle_gamma   120.000
#
_symmetry.space_group_name_H-M   'P 63 2 2'
#
loop_
_entity.id
_entity.type
_entity.pdbx_description
1 polymer 'Hepatocyte growth factor'
2 polymer 'Hepatocyte growth factor'
3 polymer 'Heavy chain of t8E4 Fab fragment'
4 polymer 'Light chain of t8E4 Fab fragment'
5 water water
#
loop_
_entity_poly.entity_id
_entity_poly.type
_entity_poly.pdbx_seq_one_letter_code
_entity_poly.pdbx_strand_id
1 'polypeptide(L)'
;SGQDCYRGNGKNYMGQLSQTRSGLTCSMWDKNMEDLHRHIFWEPDASKLNENYCRNPDDDAHGPWCYTGNPLIPWDYCPI
SRCEGDTTPGIVNLDHPVISCAKTIEGR
;
A
2 'polypeptide(L)'
;VVNGIPTRTNIGWMVSLRYRNKHICGGSLIKESWVLTARQCFPSRDLKDYEAWLGIHDVHGRGDEKSKQVLQVSQLVYGP
EGSDLVLMKLARPAVLDDFVSTIDLPNYGCTIPEKTSCSVYGWGYTGLINYDGLLRVAHLYIMGNEKCSQHHRGKVTLQE
SEICAGAEKIGSGPCEGDYGGPLVCEQHKMRMVLGVIVPGRGCAIPNRPGIFVRVAYYAKWIHKIILTYKVPQSRLENLY
FQ
;
B
3 'polypeptide(L)'
;(PCA)VQLKESGPDLVQPSQTLSLTCTVSGFSLTGYGVHWVRQPPGKGLEWVGTLGWNDKKYYNSALKSRLSISRDTSKN
QVFLKLSSLETEDTAMYYCTRDGGLLFAYYAMDYWGQGTSVTVSSAKTTPPSVYPLAPGSAAQTNSMVTLGCLVKGYFPE
PVTVTWNSGSLSSGVHTFPAVLQSDLYTLSSSVTVPSSTWPSETVTCNVAHPASSTKVDKKIVPRDC
;
H
4 'polypeptide(L)'
;DIQMTQTTSSLSASLGDRVTFSCRASQDISNYLNWYQQKPDGTVKLLIFYTSRLHSGVPSRFSGSGSGTDYSLTIANLEQ
EDFATYFCQQDSKHPFTFGSGTKLEIKRADAAPTVSIFPPSSEQLTSGGASVVCFLNNFYPKDINVKWKIDGSERQNGVL
NSWTDQDSKDSTYSMSSTLTLTKDEYERHNSYTCEATHKTSTSPIVKSFNRNEC
;
L
#
# COMPACT_ATOMS: atom_id res chain seq x y z
N PRO A 97 -4.75 34.68 20.60
CA PRO A 97 -5.79 34.68 19.57
C PRO A 97 -6.39 33.29 19.31
N VAL A 98 -5.75 32.50 18.45
CA VAL A 98 -6.15 31.11 18.23
C VAL A 98 -5.45 30.25 19.28
N ILE A 99 -6.23 29.56 20.10
CA ILE A 99 -5.74 28.75 21.22
C ILE A 99 -5.73 27.28 20.80
N SER A 100 -4.69 26.57 21.22
CA SER A 100 -4.48 25.18 20.84
C SER A 100 -5.36 24.25 21.65
N CYS A 101 -5.81 23.16 21.02
CA CYS A 101 -6.69 22.20 21.70
C CYS A 101 -5.92 21.07 22.39
N ALA A 102 -4.76 20.69 21.88
CA ALA A 102 -3.98 19.61 22.47
C ALA A 102 -3.06 20.13 23.57
N LYS A 103 -2.93 19.35 24.64
CA LYS A 103 -2.16 19.76 25.82
C LYS A 103 -0.72 19.25 25.80
N VAL B 1 -24.87 5.52 12.67
CA VAL B 1 -24.21 6.30 11.63
C VAL B 1 -24.67 5.84 10.25
N VAL B 2 -25.04 6.80 9.40
CA VAL B 2 -25.44 6.53 8.02
C VAL B 2 -24.23 6.70 7.12
N ASN B 3 -23.97 5.71 6.25
CA ASN B 3 -22.89 5.77 5.28
C ASN B 3 -21.52 5.82 5.95
N GLY B 4 -21.40 5.25 7.13
CA GLY B 4 -20.12 5.07 7.78
C GLY B 4 -19.46 3.80 7.30
N ILE B 5 -18.53 3.31 8.12
CA ILE B 5 -17.97 1.97 7.97
C ILE B 5 -17.83 1.36 9.35
N PRO B 6 -17.89 0.03 9.45
CA PRO B 6 -17.73 -0.61 10.77
C PRO B 6 -16.29 -0.47 11.26
N THR B 7 -16.16 -0.21 12.56
CA THR B 7 -14.83 -0.16 13.13
C THR B 7 -14.20 -1.55 13.08
N ARG B 8 -12.87 -1.57 12.90
CA ARG B 8 -12.18 -2.85 12.88
C ARG B 8 -11.95 -3.39 14.29
N THR B 9 -11.71 -2.52 15.26
CA THR B 9 -11.62 -2.88 16.66
C THR B 9 -12.76 -2.20 17.43
N ASN B 10 -12.85 -2.48 18.73
CA ASN B 10 -13.81 -1.76 19.54
C ASN B 10 -13.12 -0.56 20.15
N ILE B 11 -13.70 0.62 19.92
CA ILE B 11 -13.15 1.89 20.43
C ILE B 11 -13.32 1.96 21.94
N GLY B 12 -12.26 2.42 22.62
CA GLY B 12 -12.17 2.22 24.06
C GLY B 12 -12.91 3.22 24.92
N TRP B 13 -13.14 4.43 24.42
CA TRP B 13 -13.86 5.42 25.20
C TRP B 13 -15.37 5.38 24.94
N MET B 14 -15.84 4.48 24.08
CA MET B 14 -17.24 4.47 23.67
C MET B 14 -18.10 3.76 24.72
N VAL B 15 -19.21 4.40 25.07
CA VAL B 15 -20.17 3.86 26.02
C VAL B 15 -21.52 3.76 25.36
N SER B 16 -22.16 2.60 25.46
CA SER B 16 -23.55 2.41 25.00
C SER B 16 -24.48 2.72 26.18
N LEU B 17 -25.22 3.82 26.08
CA LEU B 17 -26.17 4.17 27.14
C LEU B 17 -27.46 3.37 26.96
N ARG B 18 -27.76 2.51 27.92
CA ARG B 18 -28.89 1.61 27.79
C ARG B 18 -30.07 2.12 28.62
N TYR B 19 -31.17 2.43 27.95
CA TYR B 19 -32.38 2.92 28.59
C TYR B 19 -33.44 1.82 28.52
N ARG B 20 -33.77 1.26 29.68
CA ARG B 20 -34.77 0.19 29.80
C ARG B 20 -34.36 -1.02 28.95
N ASN B 21 -33.12 -1.47 29.16
CA ASN B 21 -32.54 -2.63 28.48
C ASN B 21 -32.51 -2.48 26.96
N LYS B 22 -32.60 -1.24 26.46
CA LYS B 22 -32.37 -0.95 25.05
C LYS B 22 -31.32 0.14 24.93
N HIS B 23 -30.46 0.04 23.91
CA HIS B 23 -29.48 1.09 23.66
C HIS B 23 -30.19 2.32 23.11
N ILE B 24 -30.14 3.43 23.82
CA ILE B 24 -30.86 4.61 23.38
C ILE B 24 -29.95 5.56 22.61
N CYS B 25 -28.72 5.74 23.05
CA CYS B 25 -27.80 6.68 22.40
C CYS B 25 -26.40 6.48 23.00
N GLY B 26 -25.44 7.25 22.49
CA GLY B 26 -24.05 7.04 22.82
C GLY B 26 -23.53 7.93 23.92
N GLY B 27 -22.25 7.75 24.24
CA GLY B 27 -21.59 8.44 25.33
C GLY B 27 -20.11 8.13 25.40
N SER B 28 -19.27 9.10 25.71
CA SER B 28 -17.82 8.91 25.73
C SER B 28 -17.28 8.99 27.15
N LEU B 29 -16.46 7.99 27.52
CA LEU B 29 -15.88 7.89 28.85
C LEU B 29 -14.70 8.85 29.00
N ILE B 30 -14.70 9.65 30.06
CA ILE B 30 -13.64 10.65 30.18
C ILE B 30 -12.88 10.49 31.49
N LYS B 31 -13.54 9.95 32.51
CA LYS B 31 -12.88 9.58 33.76
C LYS B 31 -13.38 8.20 34.17
N GLU B 32 -12.65 7.57 35.10
CA GLU B 32 -13.01 6.23 35.51
C GLU B 32 -14.46 6.12 35.99
N SER B 33 -15.06 7.23 36.43
CA SER B 33 -16.42 7.21 36.94
C SER B 33 -17.33 8.21 36.25
N TRP B 34 -16.88 8.88 35.18
CA TRP B 34 -17.63 9.97 34.59
C TRP B 34 -17.77 9.78 33.09
N VAL B 35 -19.02 9.87 32.62
CA VAL B 35 -19.34 9.76 31.20
C VAL B 35 -20.00 11.06 30.75
N LEU B 36 -19.62 11.55 29.56
CA LEU B 36 -20.17 12.77 28.99
C LEU B 36 -21.11 12.43 27.84
N THR B 37 -22.34 12.93 27.91
CA THR B 37 -23.39 12.62 26.95
C THR B 37 -24.34 13.80 26.84
N ALA B 38 -25.32 13.67 25.95
CA ALA B 38 -26.23 14.77 25.59
C ALA B 38 -27.51 14.75 26.42
N ARG B 39 -28.11 15.93 26.57
CA ARG B 39 -29.33 16.08 27.38
C ARG B 39 -30.46 15.23 26.83
N GLN B 40 -30.68 15.29 25.51
CA GLN B 40 -31.75 14.59 24.82
C GLN B 40 -31.75 13.08 25.05
N CYS B 41 -30.86 12.59 25.91
CA CYS B 41 -30.67 11.16 26.03
C CYS B 41 -31.33 10.57 27.27
N PHE B 42 -31.98 11.38 28.10
CA PHE B 42 -32.58 10.92 29.35
C PHE B 42 -34.05 11.29 29.38
N PRO B 43 -34.92 10.40 28.91
CA PRO B 43 -36.37 10.68 29.00
C PRO B 43 -36.91 10.59 30.42
N SER B 44 -36.36 9.70 31.24
CA SER B 44 -36.81 9.52 32.61
C SER B 44 -35.83 10.16 33.59
N ARG B 45 -36.26 10.28 34.84
CA ARG B 45 -35.41 10.76 35.93
C ARG B 45 -35.08 9.65 36.94
N ASP B 46 -35.56 8.42 36.72
CA ASP B 46 -35.33 7.31 37.63
C ASP B 46 -34.03 6.61 37.24
N LEU B 47 -33.05 6.60 38.15
CA LEU B 47 -31.72 6.11 37.83
C LEU B 47 -31.70 4.62 37.54
N LYS B 48 -32.60 3.85 38.17
CA LYS B 48 -32.63 2.42 37.95
C LYS B 48 -33.02 2.05 36.53
N ASP B 49 -33.48 3.01 35.72
CA ASP B 49 -33.81 2.72 34.34
C ASP B 49 -32.57 2.54 33.46
N TYR B 50 -31.41 3.05 33.87
CA TYR B 50 -30.26 3.15 33.00
C TYR B 50 -29.13 2.23 33.44
N GLU B 51 -28.41 1.71 32.46
CA GLU B 51 -27.09 1.12 32.64
C GLU B 51 -26.14 1.76 31.64
N ALA B 52 -24.85 1.52 31.86
CA ALA B 52 -23.80 1.96 30.95
C ALA B 52 -22.99 0.75 30.54
N TRP B 53 -22.75 0.60 29.24
CA TRP B 53 -21.96 -0.52 28.72
C TRP B 53 -20.65 -0.01 28.15
N LEU B 54 -19.54 -0.59 28.60
CA LEU B 54 -18.19 -0.25 28.15
C LEU B 54 -17.51 -1.48 27.57
N GLY B 55 -16.40 -1.24 26.88
CA GLY B 55 -15.62 -2.32 26.31
C GLY B 55 -16.45 -3.25 25.44
N ILE B 56 -17.22 -2.67 24.53
CA ILE B 56 -18.00 -3.47 23.59
C ILE B 56 -17.78 -2.94 22.18
N HIS B 57 -17.68 -3.87 21.24
CA HIS B 57 -17.76 -3.61 19.81
C HIS B 57 -19.19 -3.75 19.33
N ASP B 58 -19.89 -4.74 19.86
CA ASP B 58 -21.27 -5.02 19.49
C ASP B 58 -22.20 -4.39 20.51
N VAL B 59 -23.31 -3.82 20.02
CA VAL B 59 -24.21 -3.07 20.89
C VAL B 59 -24.92 -3.99 21.87
N HIS B 60 -25.20 -5.23 21.46
CA HIS B 60 -25.63 -6.29 22.38
C HIS B 60 -24.47 -6.98 23.05
N GLY B 61 -23.23 -6.62 22.72
CA GLY B 61 -22.08 -7.23 23.35
C GLY B 61 -21.75 -8.63 22.91
N ARG B 62 -22.31 -9.09 21.77
CA ARG B 62 -22.14 -10.47 21.35
C ARG B 62 -20.66 -10.84 21.20
N GLY B 63 -19.93 -10.13 20.34
CA GLY B 63 -18.51 -10.41 20.19
C GLY B 63 -17.75 -10.36 21.51
N ASP B 64 -17.95 -9.30 22.28
CA ASP B 64 -17.02 -8.91 23.35
C ASP B 64 -17.39 -9.54 24.70
N GLU B 65 -17.37 -10.88 24.74
CA GLU B 65 -17.76 -11.57 25.97
C GLU B 65 -16.73 -11.37 27.09
N LYS B 66 -15.46 -11.21 26.76
CA LYS B 66 -14.43 -11.12 27.78
C LYS B 66 -14.10 -9.68 28.16
N SER B 67 -14.79 -8.69 27.60
CA SER B 67 -14.39 -7.30 27.76
C SER B 67 -15.52 -6.35 28.15
N LYS B 68 -16.77 -6.78 28.08
CA LYS B 68 -17.86 -5.86 28.40
C LYS B 68 -17.84 -5.55 29.89
N GLN B 69 -18.29 -4.33 30.21
CA GLN B 69 -18.49 -3.91 31.59
C GLN B 69 -19.82 -3.16 31.65
N VAL B 70 -20.71 -3.59 32.54
CA VAL B 70 -22.01 -2.95 32.74
C VAL B 70 -21.98 -2.25 34.08
N LEU B 71 -22.21 -0.94 34.06
CA LEU B 71 -22.14 -0.11 35.26
C LEU B 71 -23.46 0.61 35.44
N GLN B 72 -23.87 0.78 36.69
CA GLN B 72 -25.12 1.45 37.00
C GLN B 72 -24.90 2.95 37.09
N VAL B 73 -25.94 3.71 36.80
CA VAL B 73 -25.85 5.16 36.75
C VAL B 73 -26.14 5.70 38.14
N SER B 74 -25.12 6.24 38.80
CA SER B 74 -25.30 6.71 40.17
C SER B 74 -26.01 8.05 40.22
N GLN B 75 -25.73 8.95 39.28
CA GLN B 75 -26.26 10.29 39.37
C GLN B 75 -26.14 10.97 38.01
N LEU B 76 -27.10 11.83 37.71
CA LEU B 76 -27.03 12.73 36.57
C LEU B 76 -26.68 14.13 37.05
N VAL B 77 -25.73 14.76 36.36
CA VAL B 77 -25.39 16.15 36.61
C VAL B 77 -25.71 16.93 35.34
N TYR B 78 -26.59 17.91 35.46
CA TYR B 78 -27.12 18.58 34.27
C TYR B 78 -26.29 19.81 33.93
N GLY B 79 -25.98 19.95 32.63
CA GLY B 79 -25.18 21.03 32.13
C GLY B 79 -25.92 22.35 32.23
N PRO B 80 -25.24 23.45 31.90
CA PRO B 80 -25.88 24.76 31.97
C PRO B 80 -26.99 24.87 30.94
N GLU B 81 -27.95 25.74 31.23
CA GLU B 81 -29.07 25.96 30.31
C GLU B 81 -28.56 26.33 28.92
N GLY B 82 -28.88 25.48 27.94
CA GLY B 82 -28.46 25.69 26.57
C GLY B 82 -27.32 24.79 26.13
N SER B 83 -26.71 24.05 27.06
CA SER B 83 -25.56 23.22 26.72
C SER B 83 -25.98 21.93 26.03
N ASP B 84 -27.14 21.37 26.41
CA ASP B 84 -27.54 20.03 25.96
C ASP B 84 -26.53 18.97 26.39
N LEU B 85 -25.86 19.22 27.52
CA LEU B 85 -24.75 18.41 27.99
C LEU B 85 -25.13 17.75 29.31
N VAL B 86 -24.77 16.48 29.48
CA VAL B 86 -25.08 15.76 30.71
C VAL B 86 -23.88 14.93 31.12
N LEU B 87 -23.32 15.23 32.30
CA LEU B 87 -22.22 14.45 32.89
C LEU B 87 -22.80 13.34 33.76
N MET B 88 -22.60 12.10 33.34
CA MET B 88 -23.16 10.93 34.01
C MET B 88 -22.13 10.35 34.99
N LYS B 89 -22.56 10.14 36.23
CA LYS B 89 -21.71 9.53 37.25
C LYS B 89 -22.09 8.07 37.40
N LEU B 90 -21.09 7.22 37.60
CA LEU B 90 -21.32 5.80 37.71
C LEU B 90 -21.20 5.35 39.16
N ALA B 91 -21.96 4.29 39.52
CA ALA B 91 -21.97 3.80 40.90
C ALA B 91 -20.66 3.12 41.25
N ARG B 92 -20.33 2.07 40.58
CA ARG B 92 -18.96 1.59 40.70
C ARG B 92 -18.14 2.11 39.51
N PRO B 93 -16.83 2.35 39.72
CA PRO B 93 -16.02 2.95 38.66
C PRO B 93 -15.60 1.95 37.62
N ALA B 94 -15.34 2.46 36.42
CA ALA B 94 -14.90 1.64 35.30
C ALA B 94 -13.49 1.12 35.54
N VAL B 95 -13.26 -0.12 35.13
CA VAL B 95 -11.96 -0.78 35.26
C VAL B 95 -11.20 -0.54 33.95
N LEU B 96 -10.17 0.32 34.01
CA LEU B 96 -9.47 0.72 32.80
C LEU B 96 -8.65 -0.44 32.23
N ASP B 97 -8.34 -0.34 30.94
CA ASP B 97 -8.04 -1.54 30.17
C ASP B 97 -7.69 -1.21 28.73
N ASP B 98 -7.43 -2.25 27.93
CA ASP B 98 -7.28 -2.05 26.49
C ASP B 98 -8.63 -1.85 25.83
N PHE B 99 -9.65 -2.58 26.28
CA PHE B 99 -10.98 -2.45 25.71
C PHE B 99 -11.79 -1.33 26.33
N VAL B 100 -11.41 -0.86 27.53
CA VAL B 100 -12.01 0.29 28.21
C VAL B 100 -10.92 1.33 28.47
N SER B 101 -11.11 2.55 27.94
CA SER B 101 -10.13 3.60 28.13
C SER B 101 -10.82 4.96 28.14
N THR B 102 -10.19 5.92 28.80
CA THR B 102 -10.66 7.29 28.80
C THR B 102 -10.30 8.01 27.50
N ILE B 103 -11.00 9.11 27.22
CA ILE B 103 -10.64 10.02 26.14
C ILE B 103 -10.36 11.40 26.73
N ASP B 104 -9.29 12.03 26.25
CA ASP B 104 -8.88 13.31 26.78
C ASP B 104 -9.82 14.41 26.27
N LEU B 105 -9.87 15.50 27.04
CA LEU B 105 -10.73 16.63 26.71
C LEU B 105 -9.90 17.82 26.29
N PRO B 106 -10.43 18.72 25.46
CA PRO B 106 -9.65 19.84 24.96
C PRO B 106 -9.45 20.93 26.00
N ASN B 107 -8.36 21.69 25.80
CA ASN B 107 -8.10 22.94 26.52
C ASN B 107 -9.27 23.90 26.36
N TYR B 108 -9.59 24.63 27.43
CA TYR B 108 -10.76 25.49 27.45
C TYR B 108 -10.60 26.67 26.47
N GLY B 109 -11.60 26.86 25.61
CA GLY B 109 -11.64 27.97 24.70
C GLY B 109 -11.03 27.73 23.34
N CYS B 110 -10.32 26.61 23.17
CA CYS B 110 -9.56 26.37 21.96
C CYS B 110 -10.45 26.43 20.72
N THR B 111 -9.90 26.97 19.63
CA THR B 111 -10.52 26.89 18.32
C THR B 111 -9.70 25.91 17.50
N ILE B 112 -10.37 24.89 16.99
CA ILE B 112 -9.73 23.80 16.26
C ILE B 112 -9.63 24.22 14.80
N PRO B 113 -8.49 24.02 14.15
CA PRO B 113 -8.32 24.52 12.79
C PRO B 113 -9.32 23.90 11.82
N GLU B 114 -9.79 24.72 10.88
CA GLU B 114 -10.64 24.22 9.81
C GLU B 114 -9.91 23.15 9.01
N LYS B 115 -10.70 22.26 8.41
CA LYS B 115 -10.27 21.12 7.59
C LYS B 115 -9.64 20.00 8.43
N THR B 116 -9.59 20.13 9.76
CA THR B 116 -9.09 19.06 10.62
C THR B 116 -9.94 17.82 10.43
N SER B 117 -9.29 16.68 10.22
CA SER B 117 -10.04 15.44 10.04
C SER B 117 -10.50 14.90 11.39
N CYS B 118 -11.80 14.57 11.49
CA CYS B 118 -12.46 14.16 12.72
C CYS B 118 -13.29 12.91 12.46
N SER B 119 -14.01 12.44 13.49
CA SER B 119 -14.75 11.18 13.42
C SER B 119 -15.91 11.15 14.41
N VAL B 120 -17.00 10.49 13.99
CA VAL B 120 -18.15 10.22 14.86
C VAL B 120 -18.38 8.72 14.95
N TYR B 121 -18.62 8.22 16.16
CA TYR B 121 -18.88 6.80 16.40
C TYR B 121 -20.23 6.62 17.07
N GLY B 122 -20.92 5.54 16.75
CA GLY B 122 -22.20 5.27 17.34
C GLY B 122 -22.79 3.99 16.78
N TRP B 123 -23.71 3.42 17.57
CA TRP B 123 -24.47 2.23 17.18
C TRP B 123 -25.87 2.59 16.71
N GLY B 124 -26.05 3.77 16.12
CA GLY B 124 -27.37 4.28 15.77
C GLY B 124 -27.86 3.88 14.40
N TYR B 125 -28.75 4.71 13.85
CA TYR B 125 -29.46 4.37 12.63
C TYR B 125 -28.49 4.25 11.47
N THR B 126 -28.48 3.09 10.83
CA THR B 126 -27.62 2.82 9.68
C THR B 126 -28.23 3.26 8.37
N GLY B 127 -29.56 3.34 8.30
CA GLY B 127 -30.24 3.47 7.04
C GLY B 127 -30.29 2.20 6.23
N LEU B 128 -29.86 1.07 6.78
CA LEU B 128 -29.76 -0.17 6.04
C LEU B 128 -30.35 -1.33 6.82
N ILE B 129 -30.72 -2.36 6.07
CA ILE B 129 -31.25 -3.58 6.62
C ILE B 129 -30.11 -4.43 7.17
N ASN B 130 -30.38 -5.16 8.26
CA ASN B 130 -29.39 -6.04 8.88
C ASN B 130 -28.22 -5.25 9.44
N TYR B 131 -28.53 -4.37 10.38
CA TYR B 131 -27.45 -3.72 11.11
C TYR B 131 -26.74 -4.79 11.94
N ASP B 132 -25.50 -5.14 11.58
CA ASP B 132 -24.78 -6.20 12.29
C ASP B 132 -24.53 -5.89 13.77
N GLY B 133 -25.02 -4.78 14.33
CA GLY B 133 -24.73 -4.39 15.69
C GLY B 133 -23.34 -3.82 15.93
N LEU B 134 -22.45 -3.87 14.95
CA LEU B 134 -21.08 -3.45 15.17
C LEU B 134 -20.98 -1.92 15.16
N LEU B 135 -20.19 -1.40 16.09
CA LEU B 135 -19.93 0.04 16.17
C LEU B 135 -19.52 0.60 14.82
N ARG B 136 -19.95 1.82 14.53
CA ARG B 136 -19.71 2.43 13.24
C ARG B 136 -18.99 3.77 13.41
N VAL B 137 -18.41 4.26 12.32
CA VAL B 137 -17.64 5.50 12.33
C VAL B 137 -17.80 6.19 10.99
N ALA B 138 -17.85 7.52 11.02
CA ALA B 138 -17.87 8.35 9.83
C ALA B 138 -16.79 9.41 9.96
N HIS B 139 -16.15 9.75 8.84
CA HIS B 139 -15.03 10.69 8.80
C HIS B 139 -15.54 12.08 8.40
N LEU B 140 -15.32 13.07 9.25
CA LEU B 140 -15.71 14.45 9.03
C LEU B 140 -14.51 15.39 9.03
N TYR B 141 -14.75 16.62 8.60
CA TYR B 141 -13.76 17.69 8.57
C TYR B 141 -14.34 18.92 9.24
N ILE B 142 -13.57 19.53 10.14
CA ILE B 142 -13.97 20.80 10.72
C ILE B 142 -14.20 21.81 9.60
N MET B 143 -15.16 22.72 9.79
CA MET B 143 -15.53 23.70 8.80
C MET B 143 -15.78 25.03 9.47
N GLY B 144 -16.04 26.06 8.66
CA GLY B 144 -16.38 27.37 9.19
C GLY B 144 -17.82 27.43 9.64
N ASN B 145 -18.08 28.27 10.64
CA ASN B 145 -19.42 28.35 11.21
C ASN B 145 -20.44 28.81 10.16
N GLU B 146 -20.09 29.83 9.38
CA GLU B 146 -20.96 30.32 8.31
C GLU B 146 -21.39 29.20 7.37
N LYS B 147 -20.59 28.13 7.26
CA LYS B 147 -20.97 26.98 6.46
C LYS B 147 -22.13 26.19 7.05
N CYS B 148 -22.52 26.48 8.30
CA CYS B 148 -23.62 25.77 8.97
C CYS B 148 -24.88 26.61 9.09
N SER B 149 -24.78 27.84 9.60
CA SER B 149 -25.96 28.70 9.75
C SER B 149 -26.41 29.18 8.39
N GLN B 150 -27.42 28.51 7.83
CA GLN B 150 -28.08 28.97 6.62
C GLN B 150 -29.55 28.55 6.66
N LEU B 158 -23.96 31.32 14.51
CA LEU B 158 -23.80 30.21 15.45
C LEU B 158 -23.36 30.71 16.81
N GLN B 159 -23.77 30.01 17.86
CA GLN B 159 -23.31 30.33 19.19
C GLN B 159 -21.86 29.88 19.37
N GLU B 160 -21.20 30.45 20.39
CA GLU B 160 -19.84 30.05 20.74
C GLU B 160 -19.78 28.68 21.39
N SER B 161 -20.90 27.98 21.51
CA SER B 161 -20.98 26.66 22.10
C SER B 161 -21.18 25.57 21.06
N GLU B 162 -21.07 25.90 19.77
CA GLU B 162 -21.30 24.95 18.70
C GLU B 162 -20.18 25.02 17.68
N ILE B 163 -19.88 23.87 17.07
CA ILE B 163 -18.87 23.76 16.03
C ILE B 163 -19.47 23.10 14.80
N CYS B 164 -18.84 23.35 13.66
CA CYS B 164 -19.33 22.91 12.36
C CYS B 164 -18.38 21.85 11.79
N ALA B 165 -18.93 20.72 11.34
CA ALA B 165 -18.15 19.62 10.78
C ALA B 165 -18.98 18.85 9.75
N GLY B 166 -18.38 18.53 8.61
CA GLY B 166 -19.07 17.81 7.56
C GLY B 166 -18.15 16.87 6.80
N ALA B 167 -18.74 16.13 5.87
CA ALA B 167 -17.98 15.15 5.07
C ALA B 167 -17.47 15.76 3.77
N ILE B 170 -20.13 13.28 0.30
CA ILE B 170 -20.12 11.93 0.84
C ILE B 170 -21.51 11.67 1.38
N GLY B 171 -22.06 12.63 2.12
CA GLY B 171 -23.41 12.50 2.63
C GLY B 171 -23.55 11.46 3.71
N SER B 172 -22.84 11.66 4.82
CA SER B 172 -22.80 10.71 5.93
C SER B 172 -22.74 11.51 7.23
N GLY B 173 -23.00 10.82 8.33
CA GLY B 173 -22.95 11.46 9.61
C GLY B 173 -23.61 10.69 10.73
N PRO B 174 -23.68 11.29 11.91
CA PRO B 174 -24.40 10.68 13.02
C PRO B 174 -25.89 10.89 12.84
N CYS B 175 -26.65 9.96 13.39
CA CYS B 175 -28.09 9.94 13.20
C CYS B 175 -28.72 9.55 14.53
N GLU B 176 -29.99 9.14 14.49
CA GLU B 176 -30.66 8.73 15.72
C GLU B 176 -30.00 7.48 16.28
N GLY B 177 -29.85 7.43 17.59
CA GLY B 177 -29.14 6.36 18.24
C GLY B 177 -27.68 6.66 18.48
N ASP B 178 -27.10 7.59 17.71
CA ASP B 178 -25.73 8.04 17.83
C ASP B 178 -25.58 9.25 18.75
N TYR B 179 -26.68 9.82 19.21
CA TYR B 179 -26.64 11.06 19.98
C TYR B 179 -25.95 10.82 21.33
N GLY B 180 -25.48 11.92 21.92
CA GLY B 180 -24.64 11.85 23.10
C GLY B 180 -23.31 11.17 22.89
N GLY B 181 -22.95 10.86 21.66
CA GLY B 181 -21.69 10.26 21.35
C GLY B 181 -20.67 11.35 21.02
N PRO B 182 -19.41 10.96 20.85
CA PRO B 182 -18.36 11.99 20.71
C PRO B 182 -18.02 12.31 19.27
N LEU B 183 -17.69 13.58 19.06
CA LEU B 183 -16.86 14.00 17.93
C LEU B 183 -15.40 13.94 18.38
N VAL B 184 -14.58 13.23 17.63
CA VAL B 184 -13.19 12.97 18.04
C VAL B 184 -12.25 13.51 16.98
N CYS B 185 -11.32 14.37 17.40
CA CYS B 185 -10.34 14.96 16.48
C CYS B 185 -8.93 14.82 17.07
N GLU B 186 -7.94 14.85 16.20
CA GLU B 186 -6.55 14.75 16.61
C GLU B 186 -5.80 16.02 16.20
N GLN B 187 -5.04 16.57 17.15
CA GLN B 187 -4.10 17.66 16.88
C GLN B 187 -2.87 17.43 17.72
N HIS B 188 -1.69 17.66 17.14
CA HIS B 188 -0.41 17.50 17.83
C HIS B 188 -0.29 16.09 18.44
N LYS B 189 -0.86 15.10 17.74
CA LYS B 189 -0.71 13.68 18.06
C LYS B 189 -1.42 13.29 19.35
N MET B 190 -2.59 13.90 19.58
CA MET B 190 -3.40 13.62 20.76
C MET B 190 -4.87 13.73 20.39
N ARG B 191 -5.63 12.66 20.60
CA ARG B 191 -7.04 12.68 20.26
C ARG B 191 -7.86 13.10 21.47
N MET B 192 -8.67 14.12 21.28
CA MET B 192 -9.60 14.62 22.28
C MET B 192 -11.01 14.49 21.74
N VAL B 193 -11.99 14.70 22.62
CA VAL B 193 -13.39 14.77 22.23
C VAL B 193 -13.75 16.25 22.16
N LEU B 194 -14.04 16.74 20.96
CA LEU B 194 -14.19 18.17 20.73
C LEU B 194 -15.62 18.61 20.51
N GLY B 195 -16.48 17.71 20.05
CA GLY B 195 -17.90 17.96 20.04
C GLY B 195 -18.63 16.75 20.62
N VAL B 196 -19.91 16.96 20.89
CA VAL B 196 -20.78 15.87 21.32
C VAL B 196 -22.01 15.90 20.44
N ILE B 197 -22.41 14.73 19.95
CA ILE B 197 -23.44 14.59 18.93
C ILE B 197 -24.80 14.91 19.53
N VAL B 198 -25.46 15.93 18.97
CA VAL B 198 -26.83 16.30 19.36
C VAL B 198 -27.70 16.35 18.12
N PRO B 199 -29.01 16.13 18.21
CA PRO B 199 -29.83 16.03 17.00
C PRO B 199 -29.79 17.31 16.17
N GLY B 200 -29.30 17.16 14.94
CA GLY B 200 -29.28 18.23 13.98
C GLY B 200 -30.47 18.17 13.03
N ARG B 201 -30.51 19.12 12.10
CA ARG B 201 -31.68 19.32 11.25
C ARG B 201 -32.09 18.04 10.54
N GLY B 202 -31.19 17.47 9.74
CA GLY B 202 -31.44 16.22 9.06
C GLY B 202 -30.46 15.15 9.53
N CYS B 203 -30.50 14.02 8.85
CA CYS B 203 -29.54 12.95 9.06
C CYS B 203 -28.73 12.74 7.80
N ALA B 204 -27.43 12.93 7.90
CA ALA B 204 -26.46 12.60 6.85
C ALA B 204 -26.81 13.26 5.52
N ILE B 205 -27.51 14.39 5.58
CA ILE B 205 -27.81 15.15 4.38
C ILE B 205 -26.48 15.65 3.81
N PRO B 206 -26.16 15.31 2.58
CA PRO B 206 -24.89 15.76 1.99
C PRO B 206 -24.89 17.28 1.81
N ASN B 207 -23.67 17.82 1.79
CA ASN B 207 -23.43 19.26 1.68
C ASN B 207 -24.08 20.06 2.81
N ARG B 208 -24.67 19.39 3.80
CA ARG B 208 -25.26 20.01 4.98
C ARG B 208 -24.48 19.55 6.21
N PRO B 209 -23.47 20.31 6.63
CA PRO B 209 -22.65 19.89 7.78
C PRO B 209 -23.47 19.80 9.05
N GLY B 210 -23.04 18.92 9.96
CA GLY B 210 -23.71 18.80 11.22
C GLY B 210 -23.26 19.84 12.23
N ILE B 211 -24.15 20.13 13.19
CA ILE B 211 -23.82 20.98 14.33
C ILE B 211 -23.56 20.10 15.53
N PHE B 212 -22.41 20.30 16.18
CA PHE B 212 -22.05 19.61 17.41
C PHE B 212 -21.90 20.65 18.52
N VAL B 213 -22.25 20.27 19.74
CA VAL B 213 -22.05 21.19 20.86
C VAL B 213 -20.59 21.16 21.26
N ARG B 214 -19.97 22.34 21.29
CA ARG B 214 -18.52 22.47 21.41
C ARG B 214 -18.10 22.08 22.83
N VAL B 215 -17.47 20.91 22.96
CA VAL B 215 -16.97 20.47 24.25
C VAL B 215 -15.99 21.47 24.83
N ALA B 216 -15.19 22.11 23.97
CA ALA B 216 -14.19 23.04 24.46
C ALA B 216 -14.80 24.25 25.16
N TYR B 217 -16.08 24.54 24.89
CA TYR B 217 -16.76 25.67 25.51
C TYR B 217 -17.27 25.35 26.91
N TYR B 218 -17.50 24.08 27.21
CA TYR B 218 -17.94 23.64 28.52
C TYR B 218 -16.86 22.81 29.22
N ALA B 219 -15.65 22.78 28.65
CA ALA B 219 -14.58 21.94 29.19
C ALA B 219 -14.23 22.34 30.61
N LYS B 220 -14.18 23.65 30.89
CA LYS B 220 -13.96 24.11 32.26
C LYS B 220 -15.12 23.72 33.17
N TRP B 221 -16.36 23.80 32.67
CA TRP B 221 -17.49 23.33 33.46
C TRP B 221 -17.28 21.88 33.89
N ILE B 222 -16.84 21.03 32.96
CA ILE B 222 -16.71 19.61 33.26
C ILE B 222 -15.80 19.37 34.46
N HIS B 223 -14.67 20.09 34.53
CA HIS B 223 -13.78 19.88 35.66
C HIS B 223 -14.38 20.44 36.95
N LYS B 224 -15.15 21.54 36.86
CA LYS B 224 -15.84 22.03 38.05
C LYS B 224 -16.71 20.94 38.65
N ILE B 225 -17.35 20.12 37.81
CA ILE B 225 -18.16 19.03 38.33
C ILE B 225 -17.28 17.93 38.92
N ILE B 226 -16.28 17.49 38.15
CA ILE B 226 -15.45 16.37 38.59
C ILE B 226 -14.77 16.67 39.92
N LEU B 227 -14.32 17.92 40.10
CA LEU B 227 -13.72 18.31 41.37
C LEU B 227 -14.73 18.38 42.52
N THR B 228 -16.03 18.43 42.22
CA THR B 228 -17.07 18.68 43.21
C THR B 228 -17.87 17.44 43.58
N TYR B 229 -18.44 16.76 42.60
CA TYR B 229 -19.33 15.63 42.88
C TYR B 229 -18.47 14.39 43.12
N LYS B 230 -18.29 14.04 44.39
CA LYS B 230 -17.37 12.97 44.78
C LYS B 230 -17.98 11.58 44.51
N VAL B 231 -17.09 10.60 44.34
CA VAL B 231 -17.45 9.22 44.07
C VAL B 231 -17.15 8.39 45.30
N PRO B 232 -18.07 7.51 45.76
CA PRO B 232 -17.93 6.61 46.92
C PRO B 232 -16.56 5.97 47.06
N VAL C 2 2.15 13.12 7.68
CA VAL C 2 2.49 11.76 8.07
C VAL C 2 3.65 11.31 7.21
N GLN C 3 4.69 10.79 7.86
CA GLN C 3 5.88 10.31 7.18
C GLN C 3 6.28 8.97 7.75
N LEU C 4 6.80 8.10 6.88
CA LEU C 4 7.46 6.89 7.33
C LEU C 4 8.69 6.63 6.48
N LYS C 5 9.79 6.21 7.11
CA LYS C 5 10.95 5.77 6.33
C LYS C 5 11.51 4.46 6.89
N GLU C 6 11.95 3.60 5.99
CA GLU C 6 12.56 2.31 6.33
C GLU C 6 14.07 2.45 6.26
N SER C 7 14.78 1.79 7.18
CA SER C 7 16.23 2.00 7.29
C SER C 7 16.87 0.80 7.99
N GLY C 8 17.17 -0.23 7.21
CA GLY C 8 18.07 -1.28 7.62
C GLY C 8 19.13 -1.43 6.56
N PRO C 9 19.93 -2.51 6.65
CA PRO C 9 20.95 -2.76 5.63
C PRO C 9 20.33 -3.06 4.28
N ASP C 10 21.16 -3.30 3.27
CA ASP C 10 20.63 -3.67 1.96
C ASP C 10 21.23 -4.95 1.44
N LEU C 11 22.14 -5.58 2.19
CA LEU C 11 22.69 -6.87 1.80
C LEU C 11 22.99 -7.65 3.07
N VAL C 12 22.34 -8.81 3.21
CA VAL C 12 22.55 -9.74 4.31
C VAL C 12 22.65 -11.14 3.71
N GLN C 13 23.04 -12.11 4.53
CA GLN C 13 23.38 -13.44 4.04
C GLN C 13 22.44 -14.50 4.56
N PRO C 14 22.27 -15.61 3.83
CA PRO C 14 21.42 -16.71 4.31
C PRO C 14 21.74 -17.15 5.73
N SER C 15 20.68 -17.47 6.46
CA SER C 15 20.71 -17.99 7.83
C SER C 15 20.98 -16.88 8.85
N GLN C 16 21.30 -15.69 8.37
CA GLN C 16 21.37 -14.51 9.24
C GLN C 16 19.96 -14.10 9.68
N THR C 17 19.88 -12.93 10.34
CA THR C 17 18.62 -12.36 10.81
C THR C 17 18.53 -10.91 10.36
N LEU C 18 17.50 -10.58 9.59
CA LEU C 18 17.32 -9.23 9.10
C LEU C 18 16.73 -8.35 10.20
N SER C 19 17.20 -7.10 10.28
CA SER C 19 16.75 -6.13 11.29
C SER C 19 16.43 -4.81 10.59
N LEU C 20 15.15 -4.55 10.36
CA LEU C 20 14.70 -3.29 9.78
C LEU C 20 14.05 -2.43 10.84
N THR C 21 14.02 -1.13 10.57
CA THR C 21 13.45 -0.15 11.49
C THR C 21 12.62 0.83 10.69
N CYS C 22 11.40 1.09 11.19
CA CYS C 22 10.48 2.04 10.57
C CYS C 22 10.39 3.25 11.49
N THR C 23 10.74 4.42 10.99
CA THR C 23 10.78 5.63 11.80
C THR C 23 9.65 6.55 11.36
N VAL C 24 8.65 6.69 12.22
CA VAL C 24 7.44 7.40 11.87
C VAL C 24 7.53 8.82 12.39
N SER C 25 6.66 9.69 11.88
CA SER C 25 6.55 11.07 12.33
C SER C 25 5.18 11.57 11.94
N GLY C 26 4.70 12.57 12.65
CA GLY C 26 3.40 13.14 12.37
C GLY C 26 2.23 12.47 13.08
N PHE C 27 2.41 11.26 13.61
CA PHE C 27 1.39 10.56 14.36
C PHE C 27 2.07 9.80 15.48
N SER C 28 1.26 9.23 16.38
CA SER C 28 1.76 8.55 17.56
C SER C 28 1.37 7.07 17.52
N LEU C 29 2.38 6.20 17.50
CA LEU C 29 2.19 4.74 17.44
C LEU C 29 1.17 4.20 18.43
N THR C 30 0.78 5.00 19.42
CA THR C 30 -0.21 4.57 20.40
C THR C 30 -1.64 4.59 19.85
N GLY C 31 -1.93 5.44 18.87
CA GLY C 31 -3.26 5.53 18.31
C GLY C 31 -3.32 5.06 16.87
N TYR C 32 -2.36 4.24 16.46
CA TYR C 32 -2.18 3.89 15.06
C TYR C 32 -1.33 2.63 14.98
N GLY C 33 -1.55 1.85 13.95
CA GLY C 33 -0.85 0.60 13.81
C GLY C 33 0.03 0.63 12.58
N VAL C 34 1.04 -0.24 12.53
CA VAL C 34 2.03 -0.23 11.47
C VAL C 34 2.06 -1.60 10.82
N HIS C 35 2.21 -1.63 9.50
CA HIS C 35 2.21 -2.87 8.73
C HIS C 35 3.48 -3.00 7.92
N TRP C 36 4.02 -4.22 7.86
CA TRP C 36 5.14 -4.52 6.98
C TRP C 36 4.64 -5.25 5.74
N VAL C 37 5.15 -4.84 4.59
CA VAL C 37 4.80 -5.39 3.28
C VAL C 37 6.10 -5.58 2.51
N ARG C 38 6.26 -6.73 1.84
CA ARG C 38 7.45 -6.96 1.02
C ARG C 38 7.06 -7.27 -0.42
N GLN C 39 8.04 -7.15 -1.33
CA GLN C 39 7.78 -7.36 -2.76
C GLN C 39 9.00 -7.94 -3.46
N PRO C 40 9.02 -9.25 -3.69
CA PRO C 40 10.16 -9.85 -4.39
C PRO C 40 10.36 -9.18 -5.73
N PRO C 41 11.61 -9.16 -6.22
CA PRO C 41 11.84 -8.50 -7.51
C PRO C 41 10.95 -9.07 -8.60
N GLY C 42 10.05 -8.23 -9.13
CA GLY C 42 9.21 -8.62 -10.23
C GLY C 42 7.84 -9.15 -9.87
N LYS C 43 7.59 -9.43 -8.59
CA LYS C 43 6.32 -9.98 -8.10
C LYS C 43 5.44 -8.88 -7.52
N GLY C 44 4.21 -9.25 -7.12
CA GLY C 44 3.30 -8.34 -6.46
C GLY C 44 3.53 -8.28 -4.97
N LEU C 45 2.77 -7.41 -4.31
CA LEU C 45 2.95 -7.15 -2.88
C LEU C 45 2.55 -8.36 -2.04
N GLU C 46 3.21 -8.49 -0.90
CA GLU C 46 2.98 -9.57 0.06
C GLU C 46 2.92 -8.95 1.45
N TRP C 47 1.86 -9.26 2.20
CA TRP C 47 1.71 -8.74 3.54
C TRP C 47 2.60 -9.53 4.49
N VAL C 48 3.37 -8.82 5.30
CA VAL C 48 4.33 -9.45 6.21
C VAL C 48 3.75 -9.58 7.61
N GLY C 49 2.99 -8.59 8.06
CA GLY C 49 2.51 -8.61 9.43
C GLY C 49 2.27 -7.20 9.90
N THR C 50 1.95 -7.10 11.19
CA THR C 50 1.41 -5.84 11.67
C THR C 50 1.60 -5.77 13.17
N LEU C 51 1.76 -4.55 13.66
CA LEU C 51 1.75 -4.26 15.08
C LEU C 51 0.65 -3.25 15.29
N GLY C 52 -0.30 -3.59 16.12
CA GLY C 52 -1.47 -2.75 16.29
C GLY C 52 -1.26 -1.68 17.31
N TRP C 53 -2.17 -0.69 17.29
CA TRP C 53 -2.09 0.43 18.21
C TRP C 53 -2.00 -0.03 19.66
N ASN C 54 -2.41 -1.26 19.96
CA ASN C 54 -2.42 -1.76 21.33
C ASN C 54 -1.35 -2.84 21.55
N ASP C 55 -0.39 -2.92 20.64
CA ASP C 55 0.77 -3.82 20.75
C ASP C 55 0.38 -5.28 20.51
N LYS C 56 -0.69 -5.51 19.75
CA LYS C 56 -1.08 -6.85 19.33
C LYS C 56 -0.44 -7.14 17.98
N LYS C 57 0.09 -8.35 17.83
CA LYS C 57 0.97 -8.70 16.71
C LYS C 57 0.34 -9.79 15.86
N TYR C 58 0.20 -9.53 14.57
CA TYR C 58 -0.28 -10.54 13.63
C TYR C 58 0.71 -10.69 12.49
N TYR C 59 0.97 -11.93 12.10
CA TYR C 59 2.04 -12.24 11.17
C TYR C 59 1.52 -12.98 9.93
N ASN C 60 2.13 -12.65 8.79
CA ASN C 60 2.02 -13.47 7.59
C ASN C 60 2.21 -14.95 7.94
N SER C 61 1.48 -15.82 7.24
CA SER C 61 1.36 -17.22 7.69
C SER C 61 2.62 -18.03 7.40
N ALA C 62 3.19 -17.88 6.21
CA ALA C 62 4.40 -18.60 5.84
C ALA C 62 5.63 -18.11 6.60
N LEU C 63 5.63 -16.87 7.10
CA LEU C 63 6.82 -16.30 7.73
C LEU C 63 6.78 -16.34 9.26
N LYS C 64 5.64 -16.72 9.85
CA LYS C 64 5.38 -16.38 11.25
C LYS C 64 6.42 -16.97 12.19
N SER C 65 6.94 -18.16 11.87
CA SER C 65 7.86 -18.86 12.76
C SER C 65 9.26 -18.22 12.82
N ARG C 66 9.56 -17.26 11.96
CA ARG C 66 10.83 -16.57 12.06
C ARG C 66 10.66 -15.07 11.95
N LEU C 67 9.49 -14.55 12.30
CA LEU C 67 9.17 -13.14 12.24
C LEU C 67 8.95 -12.59 13.64
N SER C 68 9.15 -11.28 13.77
CA SER C 68 8.89 -10.57 15.01
C SER C 68 8.81 -9.08 14.74
N ILE C 69 7.97 -8.42 15.52
CA ILE C 69 7.76 -6.99 15.40
C ILE C 69 7.66 -6.42 16.80
N SER C 70 8.23 -5.24 17.00
CA SER C 70 8.28 -4.60 18.30
C SER C 70 8.22 -3.10 18.07
N ARG C 71 8.18 -2.33 19.15
CA ARG C 71 8.11 -0.89 18.98
C ARG C 71 8.64 -0.20 20.22
N ASP C 72 9.14 1.01 20.01
CA ASP C 72 9.49 1.94 21.09
C ASP C 72 8.64 3.17 20.83
N THR C 73 7.71 3.46 21.72
CA THR C 73 6.87 4.62 21.50
C THR C 73 7.66 5.90 21.72
N SER C 74 8.63 5.88 22.64
CA SER C 74 9.46 7.06 22.85
C SER C 74 10.36 7.33 21.67
N LYS C 75 10.89 6.27 21.04
CA LYS C 75 11.79 6.45 19.89
C LYS C 75 11.06 6.53 18.57
N ASN C 76 9.71 6.45 18.57
CA ASN C 76 8.89 6.61 17.36
C ASN C 76 9.27 5.65 16.25
N GLN C 77 9.62 4.42 16.64
CA GLN C 77 10.11 3.42 15.70
C GLN C 77 9.42 2.07 15.93
N VAL C 78 9.25 1.33 14.85
CA VAL C 78 8.74 -0.03 14.87
C VAL C 78 9.80 -0.93 14.24
N PHE C 79 10.12 -2.02 14.93
CA PHE C 79 11.25 -2.87 14.57
C PHE C 79 10.78 -4.19 13.99
N LEU C 80 11.22 -4.49 12.76
CA LEU C 80 11.07 -5.78 12.12
C LEU C 80 12.27 -6.68 12.37
N LYS C 81 12.01 -7.97 12.54
CA LYS C 81 13.08 -8.97 12.61
C LYS C 81 12.63 -10.23 11.89
N LEU C 82 13.46 -10.74 11.00
CA LEU C 82 13.21 -11.97 10.25
C LEU C 82 14.38 -12.92 10.48
N SER C 83 14.14 -14.04 11.18
CA SER C 83 15.20 -15.00 11.50
C SER C 83 15.46 -15.94 10.33
N SER C 84 16.57 -16.69 10.45
CA SER C 84 16.96 -17.75 9.52
C SER C 84 16.68 -17.35 8.09
N LEU C 85 17.45 -16.39 7.56
CA LEU C 85 17.08 -15.78 6.29
C LEU C 85 17.32 -16.71 5.11
N GLU C 86 16.36 -16.75 4.21
CA GLU C 86 16.50 -17.45 2.94
C GLU C 86 16.82 -16.46 1.83
N THR C 87 17.43 -16.98 0.77
CA THR C 87 17.62 -16.18 -0.44
C THR C 87 16.31 -15.55 -0.88
N GLU C 88 15.24 -16.34 -0.84
CA GLU C 88 13.95 -15.92 -1.37
C GLU C 88 13.31 -14.79 -0.56
N ASP C 89 13.80 -14.51 0.66
CA ASP C 89 13.38 -13.30 1.36
C ASP C 89 13.88 -12.02 0.70
N THR C 90 14.71 -12.10 -0.35
CA THR C 90 15.09 -10.92 -1.13
C THR C 90 13.85 -10.18 -1.62
N ALA C 91 13.68 -8.93 -1.18
CA ALA C 91 12.53 -8.15 -1.58
C ALA C 91 12.67 -6.72 -1.10
N MET C 92 11.86 -5.84 -1.67
CA MET C 92 11.70 -4.50 -1.13
C MET C 92 10.77 -4.56 0.06
N TYR C 93 11.16 -3.95 1.16
CA TYR C 93 10.35 -3.96 2.38
C TYR C 93 9.84 -2.54 2.64
N TYR C 94 8.53 -2.38 2.67
CA TYR C 94 7.91 -1.11 3.03
C TYR C 94 7.32 -1.21 4.43
N CYS C 95 7.03 -0.06 5.00
CA CYS C 95 6.20 0.01 6.18
C CYS C 95 5.08 1.01 5.93
N THR C 96 3.94 0.78 6.59
CA THR C 96 2.70 1.51 6.32
C THR C 96 1.97 1.77 7.63
N ARG C 97 1.06 2.75 7.59
CA ARG C 97 0.23 3.07 8.74
C ARG C 97 -1.22 2.64 8.53
N ASP C 98 -1.91 2.38 9.65
CA ASP C 98 -3.35 2.12 9.73
C ASP C 98 -4.13 3.42 9.66
N GLY C 99 -5.45 3.28 9.83
CA GLY C 99 -6.30 4.37 10.28
C GLY C 99 -6.35 4.50 11.78
N GLY C 100 -5.88 3.48 12.50
CA GLY C 100 -5.76 3.61 13.94
C GLY C 100 -7.10 3.70 14.62
N LEU C 101 -7.19 4.53 15.66
CA LEU C 101 -8.46 4.67 16.35
C LEU C 101 -9.29 5.82 15.79
N LEU C 102 -8.64 6.84 15.24
CA LEU C 102 -9.39 7.91 14.61
C LEU C 102 -10.21 7.38 13.44
N PHE C 103 -9.58 6.60 12.56
CA PHE C 103 -10.24 6.14 11.34
C PHE C 103 -10.76 4.70 11.42
N ALA C 104 -10.22 3.87 12.32
CA ALA C 104 -10.74 2.55 12.67
C ALA C 104 -10.82 1.56 11.50
N TYR C 105 -10.13 1.79 10.40
CA TYR C 105 -9.94 0.74 9.41
C TYR C 105 -8.51 0.21 9.45
N TYR C 106 -8.29 -0.94 8.79
CA TYR C 106 -7.00 -1.58 8.71
C TYR C 106 -6.31 -1.34 7.39
N ALA C 107 -6.89 -0.52 6.52
CA ALA C 107 -6.22 -0.18 5.29
C ALA C 107 -4.94 0.59 5.59
N MET C 108 -3.95 0.46 4.71
CA MET C 108 -2.70 1.16 4.86
C MET C 108 -2.80 2.45 4.07
N ASP C 109 -2.97 3.57 4.76
CA ASP C 109 -3.30 4.82 4.09
C ASP C 109 -2.09 5.72 3.85
N TYR C 110 -1.00 5.49 4.58
CA TYR C 110 0.28 6.14 4.33
C TYR C 110 1.35 5.08 4.14
N TRP C 111 2.21 5.31 3.16
CA TRP C 111 3.22 4.33 2.76
C TRP C 111 4.61 4.93 2.78
N GLY C 112 5.55 4.16 3.31
CA GLY C 112 6.94 4.47 3.14
C GLY C 112 7.37 4.25 1.70
N GLN C 113 8.57 4.78 1.39
CA GLN C 113 9.13 4.69 0.05
C GLN C 113 9.71 3.32 -0.22
N GLY C 114 10.06 2.56 0.82
CA GLY C 114 10.70 1.27 0.68
C GLY C 114 12.19 1.31 1.03
N THR C 115 12.76 0.11 1.11
CA THR C 115 14.20 -0.07 1.27
C THR C 115 14.54 -1.45 0.70
N SER C 116 15.54 -1.48 -0.18
CA SER C 116 15.87 -2.73 -0.82
C SER C 116 16.65 -3.63 0.12
N VAL C 117 16.35 -4.92 0.08
CA VAL C 117 17.03 -5.91 0.91
C VAL C 117 17.27 -7.15 0.06
N THR C 118 18.54 -7.56 -0.02
CA THR C 118 19.00 -8.61 -0.89
C THR C 118 19.65 -9.69 -0.04
N VAL C 119 19.37 -10.95 -0.34
CA VAL C 119 19.91 -12.06 0.42
C VAL C 119 20.64 -12.98 -0.54
N SER C 120 21.95 -13.14 -0.30
CA SER C 120 22.78 -14.10 -1.02
C SER C 120 24.13 -14.17 -0.34
N SER C 121 24.87 -15.23 -0.67
CA SER C 121 26.21 -15.44 -0.13
C SER C 121 27.30 -15.20 -1.18
N ALA C 122 26.96 -14.56 -2.30
CA ALA C 122 27.92 -14.28 -3.35
C ALA C 122 29.01 -13.37 -2.83
N LYS C 123 30.22 -13.57 -3.34
CA LYS C 123 31.33 -12.68 -3.12
C LYS C 123 31.28 -11.60 -4.19
N THR C 124 31.54 -10.36 -3.78
CA THR C 124 31.60 -9.25 -4.73
C THR C 124 32.42 -9.67 -5.94
N THR C 125 31.89 -9.38 -7.13
CA THR C 125 32.50 -9.88 -8.33
C THR C 125 32.32 -8.85 -9.44
N PRO C 126 33.38 -8.52 -10.19
CA PRO C 126 33.21 -7.60 -11.31
C PRO C 126 32.62 -8.30 -12.51
N PRO C 127 31.95 -7.57 -13.40
CA PRO C 127 31.43 -8.16 -14.63
C PRO C 127 32.48 -8.43 -15.69
N SER C 128 32.26 -9.50 -16.44
CA SER C 128 32.97 -9.70 -17.70
C SER C 128 32.14 -9.08 -18.80
N VAL C 129 32.72 -8.15 -19.56
CA VAL C 129 32.01 -7.41 -20.60
C VAL C 129 32.40 -7.96 -21.96
N TYR C 130 31.46 -8.57 -22.67
CA TYR C 130 31.80 -9.03 -24.01
C TYR C 130 31.05 -8.23 -25.06
N PRO C 131 31.64 -7.97 -26.23
CA PRO C 131 30.93 -7.19 -27.24
C PRO C 131 30.14 -8.07 -28.19
N LEU C 132 28.93 -7.62 -28.51
CA LEU C 132 28.04 -8.35 -29.40
C LEU C 132 28.13 -7.70 -30.77
N ALA C 133 28.72 -8.42 -31.72
CA ALA C 133 28.85 -7.95 -33.08
C ALA C 133 28.15 -8.90 -34.05
N PRO C 134 27.54 -8.38 -35.11
CA PRO C 134 26.87 -9.24 -36.09
C PRO C 134 27.83 -10.26 -36.69
N GLY C 135 27.33 -11.48 -36.89
CA GLY C 135 28.11 -12.51 -37.53
C GLY C 135 27.45 -13.09 -38.77
N ASN C 141 19.24 -4.27 -43.22
CA ASN C 141 20.60 -3.97 -43.70
C ASN C 141 20.90 -2.48 -43.58
N SER C 142 19.87 -1.63 -43.71
CA SER C 142 20.08 -0.19 -43.61
C SER C 142 20.59 0.20 -42.23
N MET C 143 19.89 -0.25 -41.18
CA MET C 143 20.38 -0.08 -39.82
C MET C 143 21.21 -1.29 -39.40
N VAL C 144 21.99 -1.12 -38.35
CA VAL C 144 22.72 -2.22 -37.74
C VAL C 144 22.54 -2.09 -36.24
N THR C 145 22.41 -3.23 -35.57
CA THR C 145 22.23 -3.23 -34.13
C THR C 145 23.41 -3.94 -33.51
N LEU C 146 24.04 -3.27 -32.55
CA LEU C 146 25.12 -3.83 -31.76
C LEU C 146 24.68 -3.83 -30.31
N GLY C 147 25.61 -4.20 -29.43
CA GLY C 147 25.30 -4.27 -28.03
C GLY C 147 26.39 -5.04 -27.34
N CYS C 148 26.31 -5.07 -26.02
CA CYS C 148 27.30 -5.83 -25.28
C CYS C 148 26.62 -6.51 -24.10
N LEU C 149 27.24 -7.62 -23.67
CA LEU C 149 26.72 -8.54 -22.67
C LEU C 149 27.54 -8.36 -21.39
N VAL C 150 26.87 -8.11 -20.28
CA VAL C 150 27.58 -7.83 -19.04
C VAL C 150 27.38 -9.00 -18.09
N LYS C 151 28.28 -9.99 -18.13
CA LYS C 151 28.02 -11.30 -17.53
C LYS C 151 28.60 -11.46 -16.13
N GLY C 152 27.88 -12.21 -15.30
CA GLY C 152 28.32 -12.72 -14.01
C GLY C 152 28.91 -11.76 -12.99
N TYR C 153 28.22 -10.70 -12.63
CA TYR C 153 28.71 -9.78 -11.61
C TYR C 153 27.80 -9.78 -10.38
N PHE C 154 28.29 -9.15 -9.30
CA PHE C 154 27.54 -9.01 -8.06
C PHE C 154 28.21 -7.94 -7.21
N PRO C 155 27.46 -7.14 -6.46
CA PRO C 155 25.99 -7.05 -6.39
C PRO C 155 25.53 -6.02 -7.40
N GLU C 156 24.24 -5.75 -7.46
CA GLU C 156 23.79 -4.62 -8.23
C GLU C 156 24.30 -3.33 -7.58
N PRO C 157 24.35 -2.21 -8.33
CA PRO C 157 24.06 -2.03 -9.75
C PRO C 157 25.27 -1.89 -10.68
N VAL C 158 24.90 -1.67 -11.93
CA VAL C 158 25.83 -1.51 -13.04
C VAL C 158 25.21 -0.48 -13.97
N THR C 159 25.97 0.57 -14.28
CA THR C 159 25.51 1.63 -15.16
C THR C 159 26.19 1.47 -16.51
N VAL C 160 25.40 1.47 -17.58
CA VAL C 160 25.88 1.24 -18.93
C VAL C 160 25.54 2.44 -19.80
N THR C 161 26.56 2.97 -20.49
CA THR C 161 26.40 4.02 -21.49
C THR C 161 27.14 3.59 -22.75
N TRP C 162 26.92 4.34 -23.82
CA TRP C 162 27.51 4.07 -25.14
C TRP C 162 28.15 5.35 -25.66
N ASN C 163 29.44 5.24 -26.02
CA ASN C 163 30.21 6.40 -26.44
C ASN C 163 30.12 7.50 -25.39
N SER C 164 30.12 7.07 -24.13
CA SER C 164 30.18 7.96 -22.98
C SER C 164 29.05 8.98 -23.01
N GLY C 165 27.83 8.49 -23.26
CA GLY C 165 26.67 9.34 -23.32
C GLY C 165 26.34 9.90 -24.68
N SER C 166 27.24 9.78 -25.66
CA SER C 166 26.92 10.23 -27.02
C SER C 166 25.70 9.47 -27.51
N LEU C 167 25.86 8.17 -27.74
CA LEU C 167 24.75 7.34 -28.21
C LEU C 167 23.70 7.22 -27.11
N SER C 168 22.57 7.89 -27.31
CA SER C 168 21.52 7.90 -26.30
C SER C 168 20.20 7.34 -26.78
N SER C 169 19.83 7.59 -28.05
CA SER C 169 18.47 7.33 -28.49
C SER C 169 18.21 5.84 -28.72
N GLY C 170 18.98 5.21 -29.61
CA GLY C 170 18.71 3.84 -30.03
C GLY C 170 19.17 2.77 -29.06
N VAL C 171 19.26 3.11 -27.78
CA VAL C 171 19.68 2.18 -26.75
C VAL C 171 18.48 1.43 -26.21
N HIS C 172 18.71 0.16 -25.86
CA HIS C 172 17.84 -0.63 -24.97
C HIS C 172 18.78 -1.32 -24.00
N THR C 173 18.75 -0.91 -22.74
CA THR C 173 19.48 -1.61 -21.70
C THR C 173 18.47 -2.33 -20.81
N PHE C 174 18.60 -3.61 -20.72
CA PHE C 174 17.68 -4.58 -20.15
C PHE C 174 17.93 -4.73 -18.66
N PRO C 175 16.91 -5.10 -17.90
CA PRO C 175 17.11 -5.27 -16.46
C PRO C 175 18.02 -6.44 -16.17
N ALA C 176 18.73 -6.34 -15.06
CA ALA C 176 19.54 -7.45 -14.59
C ALA C 176 18.62 -8.64 -14.31
N VAL C 177 19.04 -9.81 -14.75
CA VAL C 177 18.46 -11.05 -14.24
C VAL C 177 19.61 -11.84 -13.64
N LEU C 178 19.33 -12.67 -12.66
CA LEU C 178 20.42 -13.40 -12.05
C LEU C 178 20.46 -14.84 -12.55
N GLN C 179 21.67 -15.31 -12.84
CA GLN C 179 21.95 -16.69 -13.21
C GLN C 179 22.64 -17.35 -12.03
N SER C 180 21.91 -18.23 -11.34
CA SER C 180 22.31 -18.74 -10.02
C SER C 180 22.51 -17.50 -9.15
N ASP C 181 23.68 -17.25 -8.57
CA ASP C 181 23.86 -16.16 -7.62
C ASP C 181 24.50 -14.93 -8.22
N LEU C 182 24.81 -14.93 -9.51
CA LEU C 182 25.45 -13.80 -10.17
C LEU C 182 24.52 -13.16 -11.19
N TYR C 183 24.57 -11.84 -11.27
CA TYR C 183 23.70 -11.08 -12.17
C TYR C 183 24.26 -11.06 -13.57
N THR C 184 23.38 -11.09 -14.56
CA THR C 184 23.77 -10.92 -15.96
C THR C 184 22.90 -9.84 -16.57
N LEU C 185 23.48 -9.01 -17.41
CA LEU C 185 22.76 -7.92 -18.03
C LEU C 185 23.19 -7.82 -19.49
N SER C 186 22.39 -7.14 -20.30
CA SER C 186 22.77 -6.92 -21.68
C SER C 186 22.17 -5.61 -22.16
N SER C 187 22.86 -4.96 -23.10
CA SER C 187 22.43 -3.70 -23.69
C SER C 187 22.51 -3.83 -25.21
N SER C 188 21.74 -3.01 -25.91
CA SER C 188 21.78 -3.03 -27.36
C SER C 188 21.72 -1.61 -27.86
N VAL C 189 22.35 -1.38 -29.01
CA VAL C 189 22.43 -0.05 -29.61
C VAL C 189 22.29 -0.15 -31.12
N THR C 190 21.61 0.82 -31.71
CA THR C 190 21.16 0.75 -33.10
C THR C 190 21.54 2.06 -33.80
N VAL C 191 22.60 2.01 -34.60
CA VAL C 191 23.10 3.20 -35.28
C VAL C 191 22.95 3.00 -36.78
N PRO C 192 22.94 4.07 -37.57
CA PRO C 192 22.88 3.90 -39.03
C PRO C 192 24.14 3.21 -39.55
N SER C 193 23.94 2.29 -40.52
CA SER C 193 25.06 1.52 -41.05
C SER C 193 26.18 2.41 -41.60
N SER C 194 25.88 3.66 -41.91
CA SER C 194 26.96 4.61 -42.21
C SER C 194 27.77 4.93 -40.95
N THR C 195 27.18 4.84 -39.77
CA THR C 195 27.93 5.13 -38.55
C THR C 195 28.93 4.03 -38.22
N TRP C 196 28.57 2.76 -38.50
CA TRP C 196 29.41 1.64 -38.10
C TRP C 196 29.77 0.78 -39.30
N PRO C 197 31.04 0.32 -39.40
CA PRO C 197 32.12 0.46 -38.41
C PRO C 197 32.93 1.74 -38.55
N SER C 198 32.61 2.55 -39.57
CA SER C 198 33.40 3.73 -39.91
C SER C 198 33.69 4.58 -38.67
N GLU C 199 32.66 4.93 -37.92
CA GLU C 199 32.83 5.64 -36.66
C GLU C 199 32.93 4.64 -35.52
N THR C 200 33.16 5.15 -34.32
CA THR C 200 33.39 4.31 -33.16
C THR C 200 32.10 4.14 -32.39
N VAL C 201 31.79 2.90 -32.02
CA VAL C 201 30.77 2.64 -31.02
C VAL C 201 31.39 1.76 -29.96
N THR C 202 31.36 2.23 -28.72
CA THR C 202 31.91 1.52 -27.58
C THR C 202 30.94 1.67 -26.43
N CYS C 203 30.74 0.59 -25.69
CA CYS C 203 29.88 0.61 -24.51
C CYS C 203 30.75 0.79 -23.27
N ASN C 204 30.31 1.68 -22.38
CA ASN C 204 31.02 1.98 -21.14
C ASN C 204 30.28 1.33 -19.98
N VAL C 205 31.02 0.61 -19.13
CA VAL C 205 30.44 -0.23 -18.07
C VAL C 205 31.10 0.10 -16.74
N ALA C 206 30.31 0.52 -15.77
CA ALA C 206 30.78 0.86 -14.43
C ALA C 206 30.11 -0.03 -13.41
N HIS C 207 30.91 -0.64 -12.52
CA HIS C 207 30.42 -1.51 -11.45
C HIS C 207 30.99 -1.04 -10.12
N PRO C 208 30.40 0.01 -9.52
CA PRO C 208 31.03 0.67 -8.35
C PRO C 208 31.49 -0.25 -7.23
N ALA C 209 30.69 -1.23 -6.84
CA ALA C 209 31.01 -2.09 -5.70
C ALA C 209 32.32 -2.84 -5.85
N SER C 210 32.89 -2.91 -7.04
CA SER C 210 34.22 -3.48 -7.26
C SER C 210 35.21 -2.46 -7.83
N SER C 211 34.84 -1.17 -7.85
CA SER C 211 35.63 -0.10 -8.45
C SER C 211 36.16 -0.52 -9.81
N THR C 212 35.25 -1.03 -10.64
CA THR C 212 35.53 -1.45 -11.99
C THR C 212 34.93 -0.42 -12.95
N LYS C 213 35.63 -0.20 -14.06
CA LYS C 213 35.12 0.71 -15.09
C LYS C 213 35.80 0.30 -16.39
N VAL C 214 35.07 -0.48 -17.20
CA VAL C 214 35.59 -1.04 -18.44
C VAL C 214 34.92 -0.33 -19.62
N ASP C 215 35.73 -0.02 -20.62
CA ASP C 215 35.26 0.32 -21.96
C ASP C 215 35.47 -0.90 -22.85
N LYS C 216 34.68 -1.00 -23.91
CA LYS C 216 34.97 -2.05 -24.88
C LYS C 216 34.37 -1.68 -26.23
N LYS C 217 35.26 -1.60 -27.23
CA LYS C 217 34.90 -1.21 -28.58
C LYS C 217 34.26 -2.38 -29.32
N ILE C 218 33.27 -2.06 -30.15
CA ILE C 218 32.56 -3.05 -30.95
C ILE C 218 33.17 -3.09 -32.33
N VAL C 219 33.74 -4.23 -32.71
CA VAL C 219 34.48 -4.36 -33.97
C VAL C 219 33.95 -5.53 -34.78
N PRO C 220 33.96 -5.43 -36.11
CA PRO C 220 33.46 -6.53 -36.95
C PRO C 220 34.31 -7.79 -36.80
N ARG C 221 33.67 -8.94 -36.95
CA ARG C 221 34.36 -10.22 -36.81
C ARG C 221 35.19 -10.53 -38.05
N ASP C 222 36.34 -11.16 -37.83
CA ASP C 222 37.23 -11.59 -38.91
C ASP C 222 37.05 -13.09 -39.11
N CYS C 223 36.28 -13.46 -40.12
CA CYS C 223 36.03 -14.87 -40.40
C CYS C 223 37.21 -15.49 -41.15
N ASP D 1 -5.90 -19.64 4.24
CA ASP D 1 -5.60 -18.27 3.88
C ASP D 1 -6.56 -17.78 2.82
N ILE D 2 -7.19 -16.62 3.05
CA ILE D 2 -8.12 -16.08 2.06
C ILE D 2 -7.35 -15.75 0.79
N GLN D 3 -7.78 -16.30 -0.34
CA GLN D 3 -7.05 -16.17 -1.58
C GLN D 3 -7.77 -15.17 -2.49
N MET D 4 -7.15 -14.01 -2.67
CA MET D 4 -7.62 -12.98 -3.59
C MET D 4 -7.07 -13.27 -4.99
N THR D 5 -7.94 -13.71 -5.90
CA THR D 5 -7.56 -13.98 -7.28
C THR D 5 -7.79 -12.74 -8.13
N GLN D 6 -6.79 -12.38 -8.92
CA GLN D 6 -6.85 -11.23 -9.81
C GLN D 6 -6.46 -11.75 -11.19
N THR D 7 -7.43 -12.05 -12.04
CA THR D 7 -7.15 -12.94 -13.17
C THR D 7 -6.37 -12.24 -14.26
N THR D 8 -6.61 -10.96 -14.51
CA THR D 8 -5.94 -10.25 -15.60
C THR D 8 -4.63 -9.65 -15.11
N SER D 9 -3.53 -10.08 -15.73
CA SER D 9 -2.18 -9.68 -15.31
C SER D 9 -1.84 -8.27 -15.79
N SER D 10 -2.11 -7.98 -17.06
CA SER D 10 -2.00 -6.63 -17.59
C SER D 10 -3.30 -6.28 -18.30
N LEU D 11 -3.45 -5.00 -18.63
CA LEU D 11 -4.66 -4.51 -19.31
C LEU D 11 -4.31 -3.24 -20.07
N SER D 12 -4.45 -3.26 -21.39
CA SER D 12 -4.05 -2.11 -22.21
C SER D 12 -5.21 -1.15 -22.40
N ALA D 13 -4.91 0.15 -22.34
CA ALA D 13 -5.94 1.17 -22.50
C ALA D 13 -5.31 2.46 -23.00
N SER D 14 -6.17 3.41 -23.37
CA SER D 14 -5.76 4.71 -23.87
C SER D 14 -6.42 5.81 -23.04
N LEU D 15 -5.89 7.02 -23.19
CA LEU D 15 -6.40 8.17 -22.43
C LEU D 15 -7.90 8.36 -22.67
N GLY D 16 -8.65 8.47 -21.57
CA GLY D 16 -10.07 8.73 -21.64
C GLY D 16 -10.96 7.51 -21.61
N ASP D 17 -10.39 6.32 -21.47
CA ASP D 17 -11.18 5.10 -21.43
C ASP D 17 -11.71 4.86 -20.02
N ARG D 18 -12.84 4.18 -19.95
CA ARG D 18 -13.32 3.57 -18.72
C ARG D 18 -12.66 2.20 -18.63
N VAL D 19 -11.86 2.00 -17.59
CA VAL D 19 -11.10 0.76 -17.43
C VAL D 19 -11.47 0.17 -16.07
N THR D 20 -11.60 -1.16 -16.03
CA THR D 20 -12.00 -1.83 -14.80
C THR D 20 -10.99 -2.91 -14.43
N PHE D 21 -10.70 -3.01 -13.14
CA PHE D 21 -10.02 -4.15 -12.54
C PHE D 21 -10.96 -4.82 -11.54
N SER D 22 -10.74 -6.12 -11.27
CA SER D 22 -11.58 -6.87 -10.33
C SER D 22 -10.76 -7.90 -9.56
N CYS D 23 -11.25 -8.26 -8.37
CA CYS D 23 -10.76 -9.40 -7.60
C CYS D 23 -11.90 -10.34 -7.29
N ARG D 24 -11.56 -11.61 -7.07
CA ARG D 24 -12.52 -12.55 -6.52
C ARG D 24 -11.93 -13.24 -5.30
N ALA D 25 -12.62 -13.10 -4.17
CA ALA D 25 -12.20 -13.74 -2.94
C ALA D 25 -12.61 -15.21 -2.91
N SER D 26 -11.85 -15.99 -2.15
CA SER D 26 -12.15 -17.40 -1.96
C SER D 26 -13.31 -17.62 -0.98
N GLN D 27 -13.87 -16.54 -0.41
CA GLN D 27 -14.93 -16.62 0.58
C GLN D 27 -15.48 -15.21 0.78
N ASP D 28 -16.62 -15.11 1.46
CA ASP D 28 -17.27 -13.81 1.67
C ASP D 28 -16.38 -12.90 2.53
N ILE D 29 -16.03 -11.72 2.00
CA ILE D 29 -15.20 -10.76 2.73
C ILE D 29 -16.00 -9.62 3.33
N SER D 30 -17.29 -9.50 3.01
CA SER D 30 -18.15 -8.50 3.63
C SER D 30 -17.62 -7.08 3.46
N ASN D 31 -17.19 -6.76 2.25
CA ASN D 31 -16.84 -5.40 1.85
C ASN D 31 -15.52 -4.92 2.47
N TYR D 32 -14.73 -5.87 3.00
CA TYR D 32 -13.44 -5.56 3.62
C TYR D 32 -12.30 -5.71 2.60
N LEU D 33 -12.35 -4.88 1.56
CA LEU D 33 -11.45 -5.02 0.42
C LEU D 33 -10.90 -3.64 0.05
N ASN D 34 -9.57 -3.53 -0.09
CA ASN D 34 -8.91 -2.27 -0.40
C ASN D 34 -8.13 -2.34 -1.71
N TRP D 35 -7.90 -1.17 -2.32
CA TRP D 35 -7.23 -1.06 -3.61
C TRP D 35 -6.05 -0.10 -3.53
N TYR D 36 -4.91 -0.49 -4.11
CA TYR D 36 -3.73 0.35 -4.08
C TYR D 36 -3.17 0.54 -5.50
N GLN D 37 -2.43 1.62 -5.65
CA GLN D 37 -1.78 1.98 -6.91
C GLN D 37 -0.27 2.00 -6.68
N GLN D 38 0.46 1.14 -7.40
CA GLN D 38 1.92 1.12 -7.39
C GLN D 38 2.42 1.72 -8.69
N LYS D 39 3.08 2.87 -8.61
CA LYS D 39 3.59 3.56 -9.78
C LYS D 39 4.92 2.95 -10.21
N PRO D 40 5.37 3.24 -11.43
CA PRO D 40 6.58 2.55 -11.94
C PRO D 40 7.82 2.75 -11.08
N ASP D 41 7.92 3.87 -10.34
CA ASP D 41 9.05 4.02 -9.42
C ASP D 41 8.84 3.28 -8.10
N GLY D 42 7.74 2.54 -7.96
CA GLY D 42 7.46 1.74 -6.78
C GLY D 42 6.63 2.44 -5.72
N THR D 43 6.25 3.70 -5.96
CA THR D 43 5.43 4.41 -4.99
C THR D 43 4.07 3.73 -4.91
N VAL D 44 3.59 3.54 -3.69
CA VAL D 44 2.30 2.92 -3.43
C VAL D 44 1.41 3.93 -2.73
N LYS D 45 0.18 4.04 -3.22
CA LYS D 45 -0.82 4.91 -2.65
C LYS D 45 -2.07 4.10 -2.34
N LEU D 46 -2.76 4.46 -1.27
CA LEU D 46 -4.08 3.91 -1.00
C LEU D 46 -5.12 4.65 -1.82
N LEU D 47 -5.89 3.90 -2.61
CA LEU D 47 -6.98 4.41 -3.43
C LEU D 47 -8.36 4.31 -2.76
N ILE D 48 -8.74 3.12 -2.29
CA ILE D 48 -10.11 2.90 -1.80
C ILE D 48 -10.06 1.95 -0.62
N PHE D 49 -10.68 2.35 0.49
CA PHE D 49 -10.86 1.49 1.64
C PHE D 49 -12.35 1.20 1.82
N TYR D 50 -12.65 0.08 2.49
CA TYR D 50 -13.94 -0.58 2.35
C TYR D 50 -14.13 -0.85 0.88
N THR D 51 -15.31 -1.27 0.43
CA THR D 51 -15.38 -1.58 -0.99
C THR D 51 -15.34 -0.33 -1.85
N SER D 52 -15.96 0.75 -1.36
CA SER D 52 -16.30 1.90 -2.19
C SER D 52 -15.82 3.23 -1.64
N ARG D 53 -15.28 3.29 -0.42
CA ARG D 53 -14.92 4.57 0.17
C ARG D 53 -13.62 5.09 -0.44
N LEU D 54 -13.58 6.40 -0.70
CA LEU D 54 -12.52 7.05 -1.44
C LEU D 54 -11.62 7.84 -0.50
N HIS D 55 -10.31 7.69 -0.67
CA HIS D 55 -9.31 8.26 0.23
C HIS D 55 -9.17 9.76 -0.02
N SER D 56 -8.59 10.45 0.97
CA SER D 56 -8.75 11.90 1.06
C SER D 56 -8.18 12.63 -0.15
N GLY D 57 -7.00 12.22 -0.61
CA GLY D 57 -6.44 12.94 -1.72
C GLY D 57 -6.75 12.42 -3.10
N VAL D 58 -7.52 11.35 -3.21
CA VAL D 58 -7.60 10.61 -4.48
C VAL D 58 -8.50 11.37 -5.46
N PRO D 59 -8.03 11.64 -6.68
CA PRO D 59 -8.85 12.39 -7.63
C PRO D 59 -10.12 11.63 -7.90
N SER D 60 -11.17 12.38 -8.25
CA SER D 60 -12.53 11.86 -8.11
C SER D 60 -12.93 10.85 -9.19
N ARG D 61 -12.06 10.52 -10.15
CA ARG D 61 -12.42 9.60 -11.23
C ARG D 61 -12.30 8.13 -10.83
N PHE D 62 -11.96 7.84 -9.58
CA PHE D 62 -11.92 6.47 -9.09
C PHE D 62 -13.21 6.16 -8.33
N SER D 63 -13.58 4.87 -8.27
CA SER D 63 -14.73 4.44 -7.50
C SER D 63 -14.62 2.94 -7.27
N GLY D 64 -15.41 2.45 -6.31
CA GLY D 64 -15.38 1.05 -5.94
C GLY D 64 -16.77 0.43 -6.01
N SER D 65 -16.79 -0.91 -6.02
CA SER D 65 -18.01 -1.66 -6.30
C SER D 65 -17.81 -3.16 -6.06
N GLY D 66 -18.61 -3.75 -5.19
CA GLY D 66 -18.58 -5.18 -4.95
C GLY D 66 -19.33 -5.56 -3.69
N SER D 67 -19.33 -6.87 -3.41
CA SER D 67 -19.95 -7.46 -2.22
C SER D 67 -19.67 -8.96 -2.23
N GLY D 68 -19.74 -9.57 -1.05
CA GLY D 68 -19.46 -10.99 -0.99
C GLY D 68 -18.05 -11.35 -1.44
N THR D 69 -17.92 -11.91 -2.64
CA THR D 69 -16.58 -12.26 -3.10
C THR D 69 -16.07 -11.40 -4.25
N ASP D 70 -16.94 -10.80 -5.04
CA ASP D 70 -16.54 -10.13 -6.26
C ASP D 70 -16.51 -8.63 -6.04
N TYR D 71 -15.32 -8.04 -6.15
CA TYR D 71 -15.11 -6.61 -5.96
C TYR D 71 -14.40 -6.07 -7.18
N SER D 72 -14.55 -4.77 -7.43
CA SER D 72 -13.87 -4.22 -8.59
C SER D 72 -13.66 -2.73 -8.45
N LEU D 73 -12.71 -2.22 -9.22
CA LEU D 73 -12.28 -0.84 -9.19
C LEU D 73 -12.31 -0.31 -10.62
N THR D 74 -12.87 0.89 -10.83
CA THR D 74 -12.84 1.44 -12.18
C THR D 74 -12.36 2.88 -12.17
N ILE D 75 -11.77 3.27 -13.32
CA ILE D 75 -11.33 4.63 -13.61
C ILE D 75 -12.13 5.09 -14.82
N ALA D 76 -13.03 6.03 -14.62
CA ALA D 76 -13.53 6.81 -15.75
C ALA D 76 -12.53 7.89 -16.09
N ASN D 77 -12.51 8.30 -17.36
CA ASN D 77 -11.64 9.38 -17.84
C ASN D 77 -10.19 9.13 -17.42
N LEU D 78 -9.61 8.10 -18.04
CA LEU D 78 -8.24 7.70 -17.75
C LEU D 78 -7.26 8.80 -18.11
N GLU D 79 -6.40 9.16 -17.16
CA GLU D 79 -5.38 10.17 -17.37
C GLU D 79 -4.01 9.52 -17.35
N GLN D 80 -3.03 10.25 -17.88
CA GLN D 80 -1.69 9.69 -18.10
C GLN D 80 -1.10 9.13 -16.80
N GLU D 81 -1.13 9.91 -15.72
CA GLU D 81 -0.59 9.42 -14.46
C GLU D 81 -1.20 8.10 -14.01
N ASP D 82 -2.42 7.77 -14.46
CA ASP D 82 -3.09 6.55 -14.00
C ASP D 82 -2.44 5.28 -14.52
N PHE D 83 -1.41 5.37 -15.36
CA PHE D 83 -0.72 4.17 -15.84
C PHE D 83 0.19 3.66 -14.73
N ALA D 84 -0.22 2.57 -14.11
CA ALA D 84 0.43 2.01 -12.93
C ALA D 84 -0.07 0.58 -12.78
N THR D 85 0.27 -0.04 -11.67
CA THR D 85 -0.20 -1.38 -11.35
C THR D 85 -1.16 -1.28 -10.17
N TYR D 86 -2.30 -1.97 -10.27
CA TYR D 86 -3.34 -1.88 -9.24
C TYR D 86 -3.48 -3.20 -8.50
N PHE D 87 -3.48 -3.12 -7.18
CA PHE D 87 -3.48 -4.26 -6.27
C PHE D 87 -4.69 -4.17 -5.35
N CYS D 88 -5.29 -5.32 -5.00
CA CYS D 88 -6.37 -5.39 -4.02
C CYS D 88 -5.93 -6.20 -2.81
N GLN D 89 -6.69 -6.05 -1.72
CA GLN D 89 -6.31 -6.69 -0.47
C GLN D 89 -7.54 -6.80 0.43
N GLN D 90 -7.65 -7.92 1.15
CA GLN D 90 -8.80 -8.20 2.02
C GLN D 90 -8.45 -8.00 3.49
N ASP D 91 -9.39 -7.42 4.24
CA ASP D 91 -9.27 -7.25 5.69
C ASP D 91 -10.17 -8.18 6.50
N SER D 92 -10.96 -9.06 5.87
CA SER D 92 -11.86 -9.92 6.62
C SER D 92 -11.10 -10.59 7.76
N LYS D 93 -10.23 -11.52 7.42
CA LYS D 93 -9.52 -12.29 8.43
C LYS D 93 -8.02 -12.06 8.31
N HIS D 94 -7.35 -12.08 9.46
CA HIS D 94 -5.89 -12.18 9.48
C HIS D 94 -5.49 -13.56 8.96
N PRO D 95 -4.45 -13.64 8.14
CA PRO D 95 -3.54 -12.58 7.68
C PRO D 95 -3.98 -11.92 6.39
N PHE D 96 -3.90 -10.58 6.32
CA PHE D 96 -4.31 -9.89 5.11
C PHE D 96 -3.54 -10.43 3.91
N THR D 97 -4.20 -10.50 2.75
CA THR D 97 -3.57 -11.02 1.55
C THR D 97 -3.91 -10.11 0.37
N PHE D 98 -3.02 -10.07 -0.63
CA PHE D 98 -3.15 -9.22 -1.80
C PHE D 98 -3.46 -10.04 -3.04
N GLY D 99 -3.76 -9.36 -4.12
CA GLY D 99 -3.93 -10.01 -5.41
C GLY D 99 -2.70 -9.80 -6.26
N SER D 100 -2.55 -10.63 -7.29
CA SER D 100 -1.36 -10.62 -8.12
C SER D 100 -1.12 -9.28 -8.81
N GLY D 101 -2.05 -8.35 -8.73
CA GLY D 101 -1.90 -7.06 -9.36
C GLY D 101 -2.32 -7.07 -10.83
N THR D 102 -2.65 -5.88 -11.32
CA THR D 102 -2.95 -5.66 -12.73
C THR D 102 -2.18 -4.44 -13.20
N LYS D 103 -1.30 -4.64 -14.18
CA LYS D 103 -0.51 -3.55 -14.71
C LYS D 103 -1.26 -2.93 -15.89
N LEU D 104 -1.53 -1.62 -15.81
CA LEU D 104 -2.27 -0.91 -16.84
C LEU D 104 -1.31 -0.26 -17.83
N GLU D 105 -1.12 -0.88 -19.00
CA GLU D 105 -0.24 -0.37 -20.04
C GLU D 105 -1.00 0.52 -21.02
N ILE D 106 -0.25 1.21 -21.88
CA ILE D 106 -0.81 2.18 -22.83
C ILE D 106 -0.95 1.52 -24.19
N LYS D 107 -2.13 1.66 -24.80
CA LYS D 107 -2.41 0.95 -26.05
C LYS D 107 -1.70 1.63 -27.21
N ARG D 108 -1.53 0.87 -28.29
CA ARG D 108 -0.68 1.24 -29.42
C ARG D 108 -0.98 0.32 -30.60
N ALA D 109 -0.63 0.77 -31.80
CA ALA D 109 -0.71 -0.07 -32.99
C ALA D 109 0.25 -1.25 -32.87
N ASP D 110 -0.15 -2.40 -33.41
CA ASP D 110 0.69 -3.58 -33.31
C ASP D 110 2.01 -3.36 -34.05
N ALA D 111 3.08 -3.95 -33.51
CA ALA D 111 4.43 -3.81 -34.05
C ALA D 111 5.13 -5.15 -34.06
N ALA D 112 5.82 -5.46 -35.15
CA ALA D 112 6.59 -6.69 -35.31
C ALA D 112 8.01 -6.50 -34.75
N PRO D 113 8.53 -7.46 -34.00
CA PRO D 113 9.82 -7.25 -33.34
C PRO D 113 10.95 -7.16 -34.35
N THR D 114 12.00 -6.43 -33.98
CA THR D 114 13.26 -6.46 -34.72
C THR D 114 14.17 -7.47 -34.04
N VAL D 115 14.51 -8.53 -34.77
CA VAL D 115 15.17 -9.70 -34.19
C VAL D 115 16.62 -9.76 -34.66
N SER D 116 17.53 -9.89 -33.72
CA SER D 116 18.94 -9.65 -34.02
C SER D 116 19.81 -10.55 -33.15
N ILE D 117 20.57 -11.45 -33.78
CA ILE D 117 21.31 -12.50 -33.08
C ILE D 117 22.80 -12.21 -33.12
N PHE D 118 23.52 -12.71 -32.11
CA PHE D 118 24.93 -12.48 -32.01
C PHE D 118 25.65 -13.75 -31.57
N PRO D 119 26.73 -14.13 -32.26
CA PRO D 119 27.50 -15.32 -31.84
C PRO D 119 28.29 -15.04 -30.59
N PRO D 120 28.86 -16.05 -29.94
CA PRO D 120 29.69 -15.79 -28.77
C PRO D 120 30.97 -15.07 -29.19
N SER D 121 31.32 -14.02 -28.45
CA SER D 121 32.46 -13.20 -28.83
C SER D 121 33.76 -13.95 -28.60
N SER D 122 34.83 -13.43 -29.23
CA SER D 122 36.17 -14.01 -29.11
C SER D 122 36.64 -14.02 -27.67
N GLU D 123 36.54 -12.87 -26.99
CA GLU D 123 36.97 -12.78 -25.60
C GLU D 123 36.46 -13.97 -24.80
N GLN D 124 35.16 -14.19 -24.86
CA GLN D 124 34.52 -15.17 -23.99
C GLN D 124 34.95 -16.58 -24.33
N LEU D 125 35.10 -16.90 -25.61
CA LEU D 125 35.49 -18.25 -26.00
C LEU D 125 36.85 -18.63 -25.40
N THR D 126 37.83 -17.70 -25.43
CA THR D 126 39.10 -17.95 -24.77
C THR D 126 38.94 -18.10 -23.26
N SER D 127 37.92 -17.45 -22.68
CA SER D 127 37.66 -17.53 -21.26
C SER D 127 37.12 -18.89 -20.82
N GLY D 128 36.40 -19.59 -21.69
CA GLY D 128 35.86 -20.90 -21.35
C GLY D 128 34.35 -21.02 -21.40
N GLY D 129 33.59 -19.96 -21.65
CA GLY D 129 32.15 -20.05 -21.77
C GLY D 129 31.67 -19.79 -23.20
N ALA D 130 30.38 -20.01 -23.41
CA ALA D 130 29.72 -19.69 -24.66
C ALA D 130 28.37 -19.08 -24.35
N SER D 131 28.07 -17.96 -24.99
CA SER D 131 26.78 -17.31 -24.82
C SER D 131 26.34 -16.73 -26.14
N VAL D 132 25.13 -17.08 -26.57
CA VAL D 132 24.50 -16.51 -27.75
C VAL D 132 23.46 -15.51 -27.26
N VAL D 133 23.40 -14.35 -27.89
CA VAL D 133 22.48 -13.30 -27.48
C VAL D 133 21.52 -13.02 -28.63
N CYS D 134 20.23 -12.99 -28.32
CA CYS D 134 19.19 -12.72 -29.30
C CYS D 134 18.40 -11.53 -28.77
N PHE D 135 18.49 -10.39 -29.45
CA PHE D 135 17.74 -9.20 -29.11
C PHE D 135 16.45 -9.17 -29.91
N LEU D 136 15.43 -8.52 -29.34
CA LEU D 136 14.12 -8.40 -29.99
C LEU D 136 13.58 -7.04 -29.57
N ASN D 137 13.63 -6.06 -30.48
CA ASN D 137 13.43 -4.67 -30.09
C ASN D 137 12.18 -4.08 -30.70
N ASN D 138 11.50 -3.26 -29.90
CA ASN D 138 10.44 -2.37 -30.38
C ASN D 138 9.31 -3.18 -31.03
N PHE D 139 8.68 -4.01 -30.21
CA PHE D 139 7.47 -4.72 -30.60
C PHE D 139 6.36 -4.38 -29.63
N TYR D 140 5.13 -4.68 -30.07
CA TYR D 140 3.91 -4.49 -29.32
C TYR D 140 2.97 -5.56 -29.89
N PRO D 141 2.18 -6.23 -29.05
CA PRO D 141 2.05 -6.05 -27.60
C PRO D 141 3.08 -6.87 -26.83
N LYS D 142 3.16 -6.68 -25.52
CA LYS D 142 4.26 -7.25 -24.75
C LYS D 142 4.37 -8.77 -24.91
N ASP D 143 3.27 -9.46 -25.22
CA ASP D 143 3.29 -10.91 -25.25
C ASP D 143 4.13 -11.41 -26.41
N ILE D 144 5.06 -12.33 -26.12
CA ILE D 144 6.05 -12.77 -27.09
C ILE D 144 6.76 -14.01 -26.57
N ASN D 145 7.03 -14.97 -27.44
CA ASN D 145 7.66 -16.21 -27.01
C ASN D 145 8.92 -16.46 -27.84
N VAL D 146 9.96 -16.98 -27.17
CA VAL D 146 11.28 -17.19 -27.75
C VAL D 146 11.69 -18.64 -27.53
N LYS D 147 12.06 -19.33 -28.61
CA LYS D 147 12.58 -20.69 -28.55
C LYS D 147 13.99 -20.73 -29.14
N TRP D 148 14.86 -21.51 -28.50
CA TRP D 148 16.21 -21.75 -28.99
C TRP D 148 16.31 -23.17 -29.53
N LYS D 149 16.92 -23.32 -30.69
CA LYS D 149 17.15 -24.63 -31.26
C LYS D 149 18.64 -24.76 -31.61
N ILE D 150 19.26 -25.84 -31.13
CA ILE D 150 20.67 -26.12 -31.39
C ILE D 150 20.73 -27.31 -32.33
N ASP D 151 20.84 -27.03 -33.63
CA ASP D 151 20.76 -28.05 -34.69
C ASP D 151 19.37 -28.67 -34.76
N GLY D 152 18.35 -27.83 -34.69
CA GLY D 152 16.98 -28.25 -34.84
C GLY D 152 16.33 -28.82 -33.59
N SER D 153 17.11 -29.13 -32.55
CA SER D 153 16.57 -29.71 -31.33
C SER D 153 16.54 -28.62 -30.26
N GLU D 154 15.42 -28.52 -29.55
CA GLU D 154 15.13 -27.37 -28.71
C GLU D 154 15.87 -27.48 -27.38
N ARG D 155 16.43 -26.36 -26.93
CA ARG D 155 17.08 -26.25 -25.62
C ARG D 155 16.33 -25.26 -24.75
N GLN D 156 16.25 -25.55 -23.46
CA GLN D 156 15.58 -24.63 -22.54
C GLN D 156 16.44 -24.30 -21.33
N ASN D 157 17.33 -25.19 -20.94
CA ASN D 157 18.18 -24.93 -19.80
C ASN D 157 19.21 -23.84 -20.13
N GLY D 158 19.49 -23.01 -19.12
CA GLY D 158 20.44 -21.94 -19.31
C GLY D 158 19.97 -20.87 -20.25
N VAL D 159 18.68 -20.80 -20.52
CA VAL D 159 18.15 -19.68 -21.28
C VAL D 159 17.69 -18.62 -20.29
N LEU D 160 17.80 -17.35 -20.70
CA LEU D 160 17.84 -16.26 -19.74
C LEU D 160 17.20 -15.06 -20.41
N ASN D 161 15.99 -14.72 -20.00
CA ASN D 161 15.19 -13.73 -20.70
C ASN D 161 14.97 -12.50 -19.83
N SER D 162 14.85 -11.35 -20.48
CA SER D 162 14.65 -10.10 -19.77
C SER D 162 13.86 -9.15 -20.64
N TRP D 163 13.01 -8.33 -20.02
CA TRP D 163 12.03 -7.52 -20.73
C TRP D 163 12.06 -6.09 -20.21
N THR D 164 12.14 -5.13 -21.11
CA THR D 164 12.09 -3.74 -20.70
C THR D 164 10.68 -3.39 -20.24
N ASP D 165 10.58 -2.44 -19.32
CA ASP D 165 9.29 -1.81 -19.10
C ASP D 165 8.85 -1.10 -20.37
N GLN D 166 7.61 -0.62 -20.37
CA GLN D 166 7.09 -0.02 -21.59
C GLN D 166 7.84 1.25 -21.94
N ASP D 167 8.23 1.36 -23.21
CA ASP D 167 9.09 2.46 -23.64
C ASP D 167 8.34 3.79 -23.55
N SER D 168 8.99 4.79 -22.96
CA SER D 168 8.31 6.05 -22.69
C SER D 168 8.24 6.96 -23.90
N LYS D 169 8.80 6.54 -25.03
CA LYS D 169 8.81 7.36 -26.24
C LYS D 169 7.88 6.78 -27.29
N ASP D 170 8.10 5.53 -27.70
CA ASP D 170 7.31 4.90 -28.76
C ASP D 170 6.39 3.80 -28.24
N SER D 171 6.23 3.69 -26.92
CA SER D 171 5.31 2.75 -26.27
C SER D 171 5.49 1.29 -26.67
N THR D 172 6.59 0.95 -27.32
CA THR D 172 6.86 -0.44 -27.63
C THR D 172 7.41 -1.16 -26.40
N TYR D 173 7.72 -2.44 -26.55
CA TYR D 173 8.44 -3.22 -25.55
C TYR D 173 9.75 -3.74 -26.16
N SER D 174 10.49 -4.53 -25.39
CA SER D 174 11.74 -5.11 -25.87
C SER D 174 12.16 -6.23 -24.94
N MET D 175 12.94 -7.18 -25.48
CA MET D 175 13.32 -8.37 -24.74
C MET D 175 14.68 -8.88 -25.19
N SER D 176 15.49 -9.32 -24.23
CA SER D 176 16.70 -10.09 -24.49
C SER D 176 16.46 -11.56 -24.19
N SER D 177 17.06 -12.42 -25.01
CA SER D 177 17.14 -13.82 -24.68
C SER D 177 18.59 -14.25 -24.87
N THR D 178 19.19 -14.84 -23.84
CA THR D 178 20.59 -15.23 -23.86
C THR D 178 20.69 -16.72 -23.58
N LEU D 179 20.92 -17.53 -24.62
CA LEU D 179 21.30 -18.92 -24.41
C LEU D 179 22.73 -18.97 -23.91
N THR D 180 22.92 -19.54 -22.73
CA THR D 180 24.24 -19.64 -22.13
C THR D 180 24.66 -21.10 -22.09
N LEU D 181 25.95 -21.36 -22.30
CA LEU D 181 26.41 -22.70 -22.67
C LEU D 181 27.87 -22.87 -22.27
N THR D 182 28.32 -24.14 -22.21
CA THR D 182 29.75 -24.41 -22.07
C THR D 182 30.41 -24.38 -23.44
N LYS D 183 31.66 -23.89 -23.48
CA LYS D 183 32.41 -23.90 -24.73
C LYS D 183 32.45 -25.31 -25.31
N ASP D 184 32.70 -26.32 -24.47
CA ASP D 184 32.92 -27.67 -24.98
C ASP D 184 31.73 -28.16 -25.79
N GLU D 185 30.50 -27.95 -25.29
CA GLU D 185 29.31 -28.35 -26.03
C GLU D 185 28.99 -27.40 -27.17
N TYR D 186 29.25 -26.09 -27.01
CA TYR D 186 29.03 -25.15 -28.11
C TYR D 186 29.77 -25.56 -29.37
N GLU D 187 31.01 -26.02 -29.24
CA GLU D 187 31.76 -26.36 -30.43
C GLU D 187 31.47 -27.77 -30.94
N ARG D 188 30.55 -28.50 -30.29
CA ARG D 188 30.11 -29.77 -30.83
C ARG D 188 28.95 -29.61 -31.82
N HIS D 189 28.44 -28.40 -31.98
CA HIS D 189 27.24 -28.15 -32.78
C HIS D 189 27.50 -26.98 -33.73
N ASN D 190 26.62 -26.82 -34.71
CA ASN D 190 26.85 -25.85 -35.77
C ASN D 190 25.81 -24.74 -35.78
N SER D 191 24.55 -25.04 -36.10
CA SER D 191 23.55 -23.99 -36.25
C SER D 191 22.98 -23.60 -34.89
N TYR D 192 22.74 -22.30 -34.72
CA TYR D 192 22.13 -21.77 -33.51
C TYR D 192 21.01 -20.81 -33.89
N THR D 193 19.79 -21.14 -33.47
CA THR D 193 18.58 -20.45 -33.87
C THR D 193 17.84 -19.93 -32.64
N CYS D 194 17.29 -18.72 -32.74
CA CYS D 194 16.24 -18.24 -31.86
C CYS D 194 15.02 -17.91 -32.71
N GLU D 195 13.85 -18.42 -32.29
CA GLU D 195 12.58 -18.19 -32.98
C GLU D 195 11.69 -17.31 -32.13
N ALA D 196 11.03 -16.35 -32.77
CA ALA D 196 10.17 -15.41 -32.04
C ALA D 196 8.75 -15.53 -32.59
N THR D 197 7.86 -16.10 -31.80
CA THR D 197 6.45 -16.17 -32.15
C THR D 197 5.74 -14.93 -31.62
N HIS D 198 4.94 -14.29 -32.46
CA HIS D 198 4.37 -13.01 -32.07
C HIS D 198 3.12 -12.71 -32.89
N LYS D 199 2.14 -12.10 -32.20
CA LYS D 199 0.84 -11.77 -32.79
C LYS D 199 0.94 -11.22 -34.20
N THR D 200 2.02 -10.49 -34.52
CA THR D 200 2.13 -9.75 -35.76
C THR D 200 2.48 -10.61 -36.96
N SER D 201 2.64 -11.92 -36.79
CA SER D 201 2.74 -12.79 -37.96
C SER D 201 2.41 -14.20 -37.54
N THR D 202 1.87 -14.98 -38.49
CA THR D 202 1.49 -16.35 -38.23
C THR D 202 2.68 -17.31 -38.31
N SER D 203 3.79 -16.87 -38.89
CA SER D 203 4.97 -17.68 -39.00
C SER D 203 6.09 -17.07 -38.17
N PRO D 204 6.78 -17.84 -37.34
CA PRO D 204 7.74 -17.26 -36.39
C PRO D 204 8.93 -16.59 -37.08
N ILE D 205 9.40 -15.51 -36.46
CA ILE D 205 10.56 -14.78 -36.96
C ILE D 205 11.81 -15.51 -36.50
N VAL D 206 12.60 -15.99 -37.46
CA VAL D 206 13.78 -16.82 -37.20
C VAL D 206 15.04 -16.03 -37.54
N LYS D 207 16.03 -16.10 -36.64
CA LYS D 207 17.34 -15.48 -36.83
C LYS D 207 18.39 -16.51 -36.47
N SER D 208 19.30 -16.80 -37.39
CA SER D 208 20.15 -17.98 -37.24
C SER D 208 21.59 -17.67 -37.68
N PHE D 209 22.51 -18.49 -37.19
CA PHE D 209 23.87 -18.50 -37.70
C PHE D 209 24.44 -19.89 -37.49
N ASN D 210 25.28 -20.31 -38.44
CA ASN D 210 26.05 -21.54 -38.33
C ASN D 210 27.44 -21.20 -37.80
N ARG D 211 27.96 -22.03 -36.90
CA ARG D 211 29.25 -21.76 -36.27
C ARG D 211 30.40 -21.77 -37.27
N ASN D 212 30.24 -22.43 -38.42
CA ASN D 212 31.27 -22.45 -39.46
C ASN D 212 31.49 -21.05 -40.02
N GLU D 213 30.48 -20.55 -40.74
CA GLU D 213 30.58 -19.30 -41.47
C GLU D 213 30.96 -18.11 -40.59
#